data_8TYW
#
_entry.id   8TYW
#
_cell.length_a   1.00
_cell.length_b   1.00
_cell.length_c   1.00
_cell.angle_alpha   90.00
_cell.angle_beta   90.00
_cell.angle_gamma   90.00
#
_symmetry.space_group_name_H-M   'P 1'
#
loop_
_entity.id
_entity.type
_entity.pdbx_description
1 polymer 'G-protein coupled receptor 6'
2 polymer 'Guanine nucleotide-binding protein G(I)/G(S)/G(T) subunit beta-1'
3 polymer 'Guanine nucleotide-binding protein G(s) subunit alpha isoforms short'
4 polymer 'Guanine nucleotide-binding protein G(I)/G(S)/G(O) subunit gamma-2'
5 polymer Nb35
#
loop_
_entity_poly.entity_id
_entity_poly.type
_entity_poly.pdbx_seq_one_letter_code
_entity_poly.pdbx_strand_id
1 'polypeptide(L)'
;MNASAASLNDSQVVVVAAEGAAAAATAAGGPDTGEWGPPAAAALGAGGGANGSLELSSQLSAGPPGLLLPAVNPWDVLLC
VSGTVIAGENALVVALIASTPALRTPMFVLVGSLATADLLAGCGLILHFVFQYLVPSETVSLLTVGFLVASFAASVSSLL
AITVDRYLSLYNALTYYSRRTLLGVHLLLAATWTVSLGLGLLPVLGWNCLAERAACSVVRPLARSHVALLSAAFFMVFGI
MLHLYVRICQVVWRHAHQIALQQHCLAPPHLAATRKGVGTLAVVLGTFGASWLPFAIYCVVGSHEDPAVYTYATLLPATY
NSMINPIIYAFRNQEIQRALWLLLCGCFQSKVPFRSRSPSEVHHHHHHHHHH
;
A
2 'polypeptide(L)'
;MHHHHHHGSSGSELDQLRQEAEQLKNQIRDARKACADATLSQITNNIDPVGRIQMRTRRTLRGHLAKIYAMHWGTDSRLL
VSASQDGKLIIWDSYTTNKVHAIPLRSSWVMTCAYAPSGNYVACGGLDNICSIYNLKTREGNVRVSRELAGHTGYLSCCR
FLDDNQIVTSSGDTTCALWDIETGQQTTTFTGHTGDVMSLSLAPDTRLFVSGACDASAKLWDVREGMCRQTFTGHESDIN
AICFFPNGNAFATGSDDATCRLFDLRADQELMTYSHDNIICGITSVSFSKSGRLLLAGYDDFNCNVWDALKADRAGVLAG
HDNRVSCLGVTDDGMAVATGSWDSFLKIWN
;
B
3 'polypeptide(L)'
;MGCLGNSKTEDQRNEEKAQREANKKIEKQLQKDKQVYRATHRLLLLGAGESGKNTIVKQMRILHVNGFNGEGGEEDPQAA
RSNSDGEKATKVQDIKNNLKEAIETIVAAMSNLVPPVELANPENQFRVDYILSVMNVPDFDFPPEFYEHAKALWEDEGVR
ACYERSNEYQLIDCAQYFLDKIDVIKQADYVPSDQDLLRCRVLTSGIFETKFQVDKVNFHMFDVGAQRDERRKWIQCFND
VTAIIFVVASSSYNMVIREDNQTNRLQAALKLFDSIWNNKWLRDTSVILFLNKQDLLAEKVLAGKSKIEDYFPEFARYTT
PEDATPEPGEDPRVTRAKYFIRDEFLRISTASGDGRHYCYPHFTCAVDTENIRRVFNDCRDIIQRMHLRQYELL
;
C
4 'polypeptide(L)' MASNNTASIAQARKLVEQLKMEANIDRIKVSKAAADLMAYCEAHAKEDPLLTPVPASENPFREKKFFCAIL G
5 'polypeptide(L)'
;QVQLQESGGGLVQPGGSLRLSCAASGFTFSNYKMNWVRQAPGKGLEWVSDISQSGASISYTGSVKGRFTISRDNAKNTLY
LQMNSLKPEDTAVYYCARCPAPFTRDCFDVTSTTYAYRGQGTQVTVSSHHHHHHEPEA
;
N
#
# COMPACT_ATOMS: atom_id res chain seq x y z
N VAL A 72 3.50 32.66 -50.93
CA VAL A 72 3.05 32.60 -49.54
C VAL A 72 4.24 32.68 -48.60
N ASN A 73 3.98 33.04 -47.34
CA ASN A 73 5.04 33.16 -46.35
C ASN A 73 5.22 31.85 -45.63
N PRO A 74 6.40 31.21 -45.69
CA PRO A 74 6.58 29.91 -45.03
C PRO A 74 6.56 29.98 -43.51
N TRP A 75 6.76 31.17 -42.93
CA TRP A 75 6.70 31.31 -41.48
C TRP A 75 5.31 31.00 -40.96
N ASP A 76 4.28 31.41 -41.71
CA ASP A 76 2.90 31.16 -41.28
C ASP A 76 2.57 29.68 -41.30
N VAL A 77 3.03 28.95 -42.32
CA VAL A 77 2.73 27.52 -42.35
C VAL A 77 3.59 26.76 -41.34
N LEU A 78 4.79 27.27 -41.02
CA LEU A 78 5.59 26.67 -39.96
C LEU A 78 4.88 26.84 -38.61
N LEU A 79 4.34 28.04 -38.36
CA LEU A 79 3.58 28.26 -37.14
C LEU A 79 2.29 27.45 -37.12
N CYS A 80 1.68 27.21 -38.29
CA CYS A 80 0.46 26.40 -38.33
C CYS A 80 0.74 24.95 -37.99
N VAL A 81 1.80 24.35 -38.56
CA VAL A 81 2.10 22.96 -38.23
C VAL A 81 2.60 22.85 -36.80
N SER A 82 3.29 23.88 -36.28
CA SER A 82 3.62 23.92 -34.87
C SER A 82 2.36 23.89 -34.01
N GLY A 83 1.42 24.80 -34.29
CA GLY A 83 0.21 24.88 -33.50
C GLY A 83 -0.63 23.62 -33.54
N THR A 84 -0.61 22.90 -34.67
CA THR A 84 -1.20 21.58 -34.70
C THR A 84 -0.46 20.62 -33.77
N VAL A 85 0.87 20.75 -33.68
CA VAL A 85 1.62 19.85 -32.79
C VAL A 85 1.28 20.10 -31.32
N ILE A 86 1.24 21.38 -30.90
CA ILE A 86 0.84 21.63 -29.50
C ILE A 86 -0.62 21.25 -29.26
N ALA A 87 -1.49 21.45 -30.26
CA ALA A 87 -2.88 21.06 -30.11
C ALA A 87 -3.01 19.55 -29.87
N GLY A 88 -2.28 18.75 -30.64
CA GLY A 88 -2.30 17.31 -30.43
C GLY A 88 -1.70 16.89 -29.09
N GLU A 89 -0.58 17.51 -28.71
CA GLU A 89 0.11 17.10 -27.49
C GLU A 89 -0.71 17.40 -26.24
N ASN A 90 -1.21 18.63 -26.12
CA ASN A 90 -2.06 18.92 -24.97
C ASN A 90 -3.47 18.36 -25.10
N ALA A 91 -3.91 17.97 -26.30
CA ALA A 91 -5.13 17.18 -26.38
C ALA A 91 -4.92 15.82 -25.72
N LEU A 92 -3.76 15.21 -25.97
CA LEU A 92 -3.43 13.96 -25.28
C LEU A 92 -3.30 14.18 -23.78
N VAL A 93 -2.70 15.29 -23.37
CA VAL A 93 -2.52 15.56 -21.95
C VAL A 93 -3.86 15.76 -21.25
N VAL A 94 -4.75 16.54 -21.84
CA VAL A 94 -6.05 16.77 -21.21
C VAL A 94 -6.92 15.52 -21.28
N ALA A 95 -6.73 14.68 -22.30
CA ALA A 95 -7.46 13.41 -22.33
C ALA A 95 -7.00 12.48 -21.22
N LEU A 96 -5.70 12.43 -20.96
CA LEU A 96 -5.20 11.62 -19.86
C LEU A 96 -5.62 12.19 -18.51
N ILE A 97 -5.72 13.51 -18.39
CA ILE A 97 -6.13 14.12 -17.12
C ILE A 97 -7.61 13.85 -16.85
N ALA A 98 -8.46 14.09 -17.85
CA ALA A 98 -9.90 13.97 -17.64
C ALA A 98 -10.38 12.53 -17.63
N SER A 99 -9.70 11.63 -18.35
CA SER A 99 -10.17 10.26 -18.46
C SER A 99 -9.95 9.49 -17.16
N THR A 100 -8.77 9.63 -16.57
CA THR A 100 -8.46 8.89 -15.35
C THR A 100 -9.15 9.53 -14.16
N PRO A 101 -9.99 8.79 -13.42
CA PRO A 101 -10.67 9.39 -12.25
C PRO A 101 -9.76 9.62 -11.06
N ALA A 102 -8.56 9.04 -11.05
CA ALA A 102 -7.67 9.14 -9.90
C ALA A 102 -6.90 10.46 -9.85
N LEU A 103 -6.90 11.23 -10.92
CA LEU A 103 -6.10 12.45 -11.00
C LEU A 103 -6.99 13.67 -10.78
N ARG A 104 -7.23 13.98 -9.50
CA ARG A 104 -8.05 15.12 -9.13
C ARG A 104 -7.41 16.01 -8.08
N THR A 105 -6.12 15.84 -7.81
CA THR A 105 -5.43 16.64 -6.81
C THR A 105 -5.28 18.07 -7.33
N PRO A 106 -5.09 19.04 -6.42
CA PRO A 106 -4.86 20.43 -6.87
C PRO A 106 -3.66 20.63 -7.80
N MET A 107 -2.65 19.76 -7.74
CA MET A 107 -1.56 19.85 -8.70
C MET A 107 -2.02 19.45 -10.10
N PHE A 108 -2.81 18.38 -10.20
CA PHE A 108 -3.21 17.90 -11.51
C PHE A 108 -4.25 18.80 -12.16
N VAL A 109 -5.08 19.48 -11.37
CA VAL A 109 -6.03 20.41 -11.98
C VAL A 109 -5.31 21.64 -12.54
N LEU A 110 -4.19 22.04 -11.93
CA LEU A 110 -3.42 23.16 -12.48
C LEU A 110 -2.62 22.73 -13.69
N VAL A 111 -2.10 21.51 -13.69
CA VAL A 111 -1.48 20.95 -14.88
C VAL A 111 -2.49 20.88 -16.02
N GLY A 112 -3.72 20.46 -15.71
CA GLY A 112 -4.77 20.45 -16.71
C GLY A 112 -5.17 21.84 -17.17
N SER A 113 -5.14 22.82 -16.26
CA SER A 113 -5.45 24.19 -16.66
C SER A 113 -4.44 24.73 -17.64
N LEU A 114 -3.14 24.46 -17.38
CA LEU A 114 -2.11 24.80 -18.34
C LEU A 114 -2.30 24.05 -19.65
N ALA A 115 -2.75 22.79 -19.56
CA ALA A 115 -2.96 21.98 -20.76
C ALA A 115 -4.07 22.55 -21.64
N THR A 116 -5.22 22.88 -21.05
CA THR A 116 -6.31 23.45 -21.85
C THR A 116 -5.99 24.86 -22.33
N ALA A 117 -5.27 25.66 -21.53
CA ALA A 117 -4.86 26.98 -21.99
C ALA A 117 -3.95 26.87 -23.21
N ASP A 118 -3.01 25.94 -23.18
CA ASP A 118 -2.10 25.80 -24.31
C ASP A 118 -2.75 25.12 -25.49
N LEU A 119 -3.74 24.25 -25.25
CA LEU A 119 -4.54 23.69 -26.34
C LEU A 119 -5.34 24.78 -27.03
N LEU A 120 -5.91 25.70 -26.25
CA LEU A 120 -6.58 26.86 -26.83
C LEU A 120 -5.61 27.74 -27.59
N ALA A 121 -4.36 27.81 -27.13
CA ALA A 121 -3.34 28.58 -27.86
C ALA A 121 -3.06 27.94 -29.21
N GLY A 122 -2.91 26.62 -29.24
CA GLY A 122 -2.67 25.93 -30.50
C GLY A 122 -3.84 26.06 -31.46
N CYS A 123 -5.06 25.93 -30.94
CA CYS A 123 -6.25 26.13 -31.76
C CYS A 123 -6.35 27.56 -32.26
N GLY A 124 -5.91 28.53 -31.46
CA GLY A 124 -5.88 29.91 -31.91
C GLY A 124 -4.89 30.15 -33.03
N LEU A 125 -3.69 29.55 -32.92
CA LEU A 125 -2.73 29.62 -34.02
C LEU A 125 -3.30 29.02 -35.29
N ILE A 126 -3.91 27.84 -35.19
CA ILE A 126 -4.46 27.17 -36.37
C ILE A 126 -5.58 28.00 -36.98
N LEU A 127 -6.52 28.47 -36.16
CA LEU A 127 -7.67 29.20 -36.68
C LEU A 127 -7.26 30.55 -37.27
N HIS A 128 -6.32 31.25 -36.63
CA HIS A 128 -5.87 32.54 -37.13
C HIS A 128 -5.16 32.38 -38.47
N PHE A 129 -4.22 31.44 -38.55
CA PHE A 129 -3.45 31.32 -39.78
C PHE A 129 -4.21 30.61 -40.88
N VAL A 130 -5.32 29.94 -40.54
CA VAL A 130 -6.19 29.42 -41.58
C VAL A 130 -7.10 30.51 -42.11
N PHE A 131 -7.68 31.33 -41.22
CA PHE A 131 -8.64 32.32 -41.66
C PHE A 131 -7.99 33.50 -42.36
N GLN A 132 -6.84 33.99 -41.88
CA GLN A 132 -6.29 35.19 -42.47
C GLN A 132 -5.59 34.92 -43.80
N TYR A 133 -5.18 33.67 -44.05
CA TYR A 133 -4.89 33.19 -45.40
C TYR A 133 -6.13 32.75 -46.17
N LEU A 134 -7.27 32.55 -45.50
CA LEU A 134 -8.49 32.11 -46.16
C LEU A 134 -9.40 33.29 -46.50
N VAL A 135 -9.73 34.10 -45.51
CA VAL A 135 -10.56 35.28 -45.75
C VAL A 135 -9.84 36.53 -45.25
N PRO A 136 -9.43 37.43 -46.14
CA PRO A 136 -8.84 38.70 -45.70
C PRO A 136 -9.94 39.66 -45.23
N SER A 137 -10.02 39.83 -43.91
CA SER A 137 -11.04 40.69 -43.31
C SER A 137 -10.57 41.08 -41.92
N GLU A 138 -10.73 42.35 -41.58
CA GLU A 138 -10.16 42.86 -40.34
C GLU A 138 -10.95 42.47 -39.09
N THR A 139 -12.26 42.23 -39.20
CA THR A 139 -13.02 41.84 -38.00
C THR A 139 -12.59 40.48 -37.48
N VAL A 140 -12.56 39.46 -38.34
CA VAL A 140 -12.23 38.13 -37.88
C VAL A 140 -10.74 38.03 -37.55
N SER A 141 -9.90 38.81 -38.23
CA SER A 141 -8.47 38.82 -37.91
C SER A 141 -8.22 39.45 -36.54
N LEU A 142 -8.91 40.57 -36.24
CA LEU A 142 -8.81 41.17 -34.92
C LEU A 142 -9.35 40.24 -33.86
N LEU A 143 -10.44 39.53 -34.16
CA LEU A 143 -11.03 38.62 -33.18
C LEU A 143 -10.10 37.46 -32.86
N THR A 144 -9.48 36.87 -33.89
CA THR A 144 -8.59 35.76 -33.63
C THR A 144 -7.25 36.20 -33.05
N VAL A 145 -6.82 37.45 -33.31
CA VAL A 145 -5.65 37.98 -32.64
C VAL A 145 -5.93 38.18 -31.16
N GLY A 146 -7.11 38.69 -30.83
CA GLY A 146 -7.50 38.80 -29.43
C GLY A 146 -7.63 37.44 -28.76
N PHE A 147 -8.09 36.43 -29.50
CA PHE A 147 -8.12 35.08 -28.97
C PHE A 147 -6.72 34.56 -28.68
N LEU A 148 -5.76 34.88 -29.57
CA LEU A 148 -4.37 34.50 -29.34
C LEU A 148 -3.81 35.18 -28.11
N VAL A 149 -4.13 36.46 -27.92
CA VAL A 149 -3.64 37.22 -26.77
C VAL A 149 -4.19 36.62 -25.48
N ALA A 150 -5.49 36.30 -25.47
CA ALA A 150 -6.11 35.68 -24.31
C ALA A 150 -5.52 34.31 -24.02
N SER A 151 -5.21 33.55 -25.07
CA SER A 151 -4.65 32.22 -24.89
C SER A 151 -3.24 32.25 -24.34
N PHE A 152 -2.40 33.15 -24.86
CA PHE A 152 -1.03 33.27 -24.35
C PHE A 152 -1.02 33.77 -22.92
N ALA A 153 -1.90 34.72 -22.60
CA ALA A 153 -2.04 35.18 -21.22
C ALA A 153 -2.51 34.06 -20.32
N ALA A 154 -3.40 33.20 -20.82
CA ALA A 154 -3.86 32.05 -20.05
C ALA A 154 -2.72 31.07 -19.78
N SER A 155 -1.86 30.85 -20.78
CA SER A 155 -0.74 29.92 -20.59
C SER A 155 0.25 30.44 -19.56
N VAL A 156 0.64 31.72 -19.68
CA VAL A 156 1.60 32.31 -18.75
C VAL A 156 1.00 32.38 -17.34
N SER A 157 -0.27 32.74 -17.24
CA SER A 157 -0.94 32.80 -15.95
C SER A 157 -1.10 31.44 -15.31
N SER A 158 -1.34 30.39 -16.11
CA SER A 158 -1.42 29.05 -15.54
C SER A 158 -0.06 28.58 -15.06
N LEU A 159 1.01 28.99 -15.75
CA LEU A 159 2.35 28.71 -15.24
C LEU A 159 2.58 29.39 -13.89
N LEU A 160 2.11 30.63 -13.76
CA LEU A 160 2.19 31.32 -12.47
C LEU A 160 1.38 30.62 -11.40
N ALA A 161 0.21 30.08 -11.76
CA ALA A 161 -0.62 29.36 -10.80
C ALA A 161 0.06 28.08 -10.32
N ILE A 162 0.72 27.36 -11.22
CA ILE A 162 1.46 26.17 -10.81
C ILE A 162 2.63 26.55 -9.90
N THR A 163 3.30 27.65 -10.21
CA THR A 163 4.39 28.12 -9.35
C THR A 163 3.86 28.47 -7.94
N VAL A 164 2.72 29.13 -7.87
CA VAL A 164 2.22 29.57 -6.57
C VAL A 164 1.65 28.40 -5.77
N ASP A 165 1.11 27.35 -6.42
CA ASP A 165 0.66 26.26 -5.57
C ASP A 165 1.81 25.36 -5.15
N ARG A 166 2.90 25.34 -5.93
CA ARG A 166 4.13 24.72 -5.45
C ARG A 166 4.63 25.43 -4.20
N TYR A 167 4.63 26.76 -4.23
CA TYR A 167 5.07 27.53 -3.06
C TYR A 167 4.15 27.31 -1.86
N LEU A 168 2.84 27.25 -2.10
CA LEU A 168 1.90 27.03 -1.00
C LEU A 168 2.04 25.63 -0.43
N SER A 169 2.29 24.64 -1.27
CA SER A 169 2.48 23.28 -0.78
C SER A 169 3.81 23.11 -0.07
N LEU A 170 4.79 23.97 -0.35
CA LEU A 170 6.07 23.84 0.34
C LEU A 170 6.16 24.66 1.62
N TYR A 171 5.52 25.82 1.69
CA TYR A 171 5.65 26.67 2.87
C TYR A 171 4.45 26.63 3.79
N ASN A 172 3.33 26.06 3.34
CA ASN A 172 2.17 25.84 4.21
C ASN A 172 1.85 24.37 4.12
N ALA A 173 2.88 23.53 4.32
CA ALA A 173 2.87 22.16 3.84
C ALA A 173 1.83 21.30 4.55
N LEU A 174 1.76 21.38 5.87
CA LEU A 174 0.92 20.47 6.62
C LEU A 174 -0.50 20.98 6.83
N THR A 175 -0.78 22.22 6.44
CA THR A 175 -2.15 22.74 6.39
C THR A 175 -2.61 22.98 4.96
N TYR A 176 -1.95 22.34 3.99
CA TYR A 176 -2.16 22.66 2.58
C TYR A 176 -3.52 22.20 2.07
N TYR A 177 -4.03 21.09 2.60
CA TYR A 177 -5.30 20.56 2.14
C TYR A 177 -6.50 21.19 2.81
N SER A 178 -6.29 22.17 3.69
CA SER A 178 -7.38 22.85 4.36
C SER A 178 -8.15 23.74 3.38
N ARG A 179 -9.34 24.14 3.81
CA ARG A 179 -10.25 24.92 2.95
C ARG A 179 -9.67 26.29 2.65
N ARG A 180 -9.10 26.95 3.65
CA ARG A 180 -8.60 28.31 3.52
C ARG A 180 -7.39 28.40 2.60
N THR A 181 -6.68 27.29 2.38
CA THR A 181 -5.60 27.24 1.40
C THR A 181 -6.06 26.71 0.05
N LEU A 182 -7.02 25.78 0.05
CA LEU A 182 -7.50 25.21 -1.21
C LEU A 182 -8.40 26.16 -1.99
N LEU A 183 -9.03 27.12 -1.31
CA LEU A 183 -9.85 28.10 -2.03
C LEU A 183 -9.00 29.09 -2.80
N GLY A 184 -7.78 29.34 -2.32
CA GLY A 184 -6.93 30.34 -2.94
C GLY A 184 -6.50 29.97 -4.35
N VAL A 185 -6.20 28.69 -4.57
CA VAL A 185 -5.77 28.23 -5.88
C VAL A 185 -6.92 28.36 -6.89
N HIS A 186 -8.12 27.94 -6.51
CA HIS A 186 -9.28 28.03 -7.41
C HIS A 186 -9.66 29.48 -7.68
N LEU A 187 -9.62 30.33 -6.65
CA LEU A 187 -9.93 31.74 -6.84
C LEU A 187 -8.89 32.41 -7.72
N LEU A 188 -7.62 32.03 -7.58
CA LEU A 188 -6.58 32.63 -8.41
C LEU A 188 -6.69 32.16 -9.85
N LEU A 189 -7.05 30.88 -10.05
CA LEU A 189 -7.34 30.37 -11.39
C LEU A 189 -8.45 31.18 -12.06
N ALA A 190 -9.55 31.39 -11.33
CA ALA A 190 -10.67 32.15 -11.87
C ALA A 190 -10.26 33.58 -12.18
N ALA A 191 -9.46 34.19 -11.30
CA ALA A 191 -9.06 35.57 -11.48
C ALA A 191 -8.18 35.75 -12.72
N THR A 192 -7.17 34.89 -12.88
CA THR A 192 -6.32 35.03 -14.06
C THR A 192 -7.01 34.60 -15.35
N TRP A 193 -7.89 33.61 -15.30
CA TRP A 193 -8.60 33.25 -16.53
C TRP A 193 -9.55 34.37 -16.96
N THR A 194 -10.23 35.00 -15.98
CA THR A 194 -11.11 36.11 -16.31
C THR A 194 -10.34 37.33 -16.79
N VAL A 195 -9.19 37.62 -16.18
CA VAL A 195 -8.40 38.75 -16.67
C VAL A 195 -7.75 38.43 -18.02
N SER A 196 -7.54 37.15 -18.34
CA SER A 196 -7.07 36.79 -19.66
C SER A 196 -8.16 36.99 -20.70
N LEU A 197 -9.39 36.62 -20.37
CA LEU A 197 -10.52 36.88 -21.27
C LEU A 197 -10.72 38.39 -21.46
N GLY A 198 -10.55 39.16 -20.38
CA GLY A 198 -10.68 40.61 -20.51
C GLY A 198 -9.58 41.23 -21.35
N LEU A 199 -8.34 40.75 -21.18
CA LEU A 199 -7.23 41.26 -21.99
C LEU A 199 -7.40 40.89 -23.45
N GLY A 200 -7.91 39.69 -23.73
CA GLY A 200 -8.19 39.31 -25.10
C GLY A 200 -9.34 40.11 -25.71
N LEU A 201 -10.35 40.41 -24.91
CA LEU A 201 -11.54 41.09 -25.41
C LEU A 201 -11.36 42.60 -25.47
N LEU A 202 -10.32 43.14 -24.84
CA LEU A 202 -10.07 44.58 -24.89
C LEU A 202 -9.83 45.13 -26.29
N PRO A 203 -9.02 44.52 -27.17
CA PRO A 203 -8.91 45.09 -28.53
C PRO A 203 -10.17 44.89 -29.36
N VAL A 204 -10.93 43.82 -29.12
CA VAL A 204 -12.18 43.61 -29.85
C VAL A 204 -13.22 44.63 -29.42
N LEU A 205 -13.18 45.06 -28.16
CA LEU A 205 -14.15 46.03 -27.67
C LEU A 205 -13.93 47.42 -28.25
N GLY A 206 -12.74 47.71 -28.77
CA GLY A 206 -12.50 49.01 -29.36
C GLY A 206 -11.14 49.59 -29.05
N TRP A 207 -10.36 48.90 -28.22
CA TRP A 207 -9.00 49.34 -27.91
C TRP A 207 -7.99 48.72 -28.88
N ASN A 208 -8.28 48.87 -30.16
CA ASN A 208 -7.47 48.34 -31.24
C ASN A 208 -6.80 49.50 -31.98
N CYS A 209 -6.11 49.17 -33.07
CA CYS A 209 -5.37 50.16 -33.85
C CYS A 209 -5.83 50.07 -35.30
N LEU A 210 -6.92 50.77 -35.61
CA LEU A 210 -7.39 50.88 -36.99
C LEU A 210 -7.45 52.32 -37.47
N ALA A 211 -8.16 53.19 -36.76
CA ALA A 211 -8.26 54.58 -37.20
C ALA A 211 -6.97 55.34 -36.94
N GLU A 212 -6.35 55.12 -35.78
CA GLU A 212 -5.08 55.74 -35.42
C GLU A 212 -3.94 54.91 -36.01
N ARG A 213 -3.85 54.93 -37.34
CA ARG A 213 -2.96 54.05 -38.07
C ARG A 213 -1.48 54.36 -37.83
N ALA A 214 -1.15 55.58 -37.39
CA ALA A 214 0.24 55.92 -37.15
C ALA A 214 0.76 55.26 -35.87
N ALA A 215 -0.05 55.25 -34.81
CA ALA A 215 0.37 54.74 -33.51
C ALA A 215 -0.05 53.28 -33.33
N CYS A 216 0.41 52.44 -34.25
CA CYS A 216 0.13 51.01 -34.22
C CYS A 216 1.37 50.25 -33.75
N SER A 217 1.14 49.08 -33.16
CA SER A 217 2.22 48.30 -32.58
C SER A 217 2.80 47.33 -33.61
N VAL A 218 3.78 46.54 -33.17
CA VAL A 218 4.49 45.67 -34.09
C VAL A 218 3.70 44.41 -34.41
N VAL A 219 2.68 44.08 -33.64
CA VAL A 219 1.81 42.95 -33.91
C VAL A 219 0.47 43.52 -34.35
N ARG A 220 0.25 43.59 -35.66
CA ARG A 220 -0.99 44.12 -36.19
C ARG A 220 -2.13 43.17 -35.88
N PRO A 221 -3.33 43.70 -35.60
CA PRO A 221 -3.71 45.11 -35.53
C PRO A 221 -3.75 45.68 -34.12
N LEU A 222 -2.93 45.15 -33.21
CA LEU A 222 -2.94 45.62 -31.83
C LEU A 222 -2.29 46.98 -31.70
N ALA A 223 -2.72 47.74 -30.69
CA ALA A 223 -2.17 49.06 -30.44
C ALA A 223 -0.94 48.98 -29.55
N ARG A 224 -0.26 50.12 -29.42
CA ARG A 224 0.96 50.18 -28.62
C ARG A 224 0.68 50.05 -27.14
N SER A 225 -0.40 50.71 -26.67
CA SER A 225 -0.68 50.75 -25.25
C SER A 225 -1.09 49.39 -24.70
N HIS A 226 -1.96 48.67 -25.43
CA HIS A 226 -2.40 47.36 -24.97
C HIS A 226 -1.25 46.36 -25.01
N VAL A 227 -0.38 46.47 -26.00
CA VAL A 227 0.78 45.58 -26.10
C VAL A 227 1.75 45.86 -24.97
N ALA A 228 1.95 47.13 -24.63
CA ALA A 228 2.82 47.48 -23.50
C ALA A 228 2.23 47.02 -22.18
N LEU A 229 0.90 47.07 -22.04
CA LEU A 229 0.24 46.54 -20.85
C LEU A 229 0.46 45.03 -20.74
N LEU A 230 0.34 44.32 -21.86
CA LEU A 230 0.63 42.88 -21.87
C LEU A 230 2.08 42.59 -21.48
N SER A 231 3.02 43.37 -22.02
CA SER A 231 4.43 43.16 -21.73
C SER A 231 4.76 43.47 -20.27
N ALA A 232 4.18 44.52 -19.72
CA ALA A 232 4.37 44.85 -18.31
C ALA A 232 3.79 43.78 -17.41
N ALA A 233 2.61 43.25 -17.76
CA ALA A 233 2.02 42.17 -16.98
C ALA A 233 2.88 40.92 -17.02
N PHE A 234 3.47 40.63 -18.20
CA PHE A 234 4.40 39.50 -18.29
C PHE A 234 5.63 39.73 -17.42
N PHE A 235 6.12 40.97 -17.36
CA PHE A 235 7.30 41.25 -16.56
C PHE A 235 7.01 41.07 -15.07
N MET A 236 5.83 41.52 -14.62
CA MET A 236 5.46 41.29 -13.21
C MET A 236 5.27 39.81 -12.91
N VAL A 237 4.67 39.06 -13.84
CA VAL A 237 4.48 37.63 -13.62
C VAL A 237 5.82 36.92 -13.55
N PHE A 238 6.75 37.27 -14.44
CA PHE A 238 8.08 36.69 -14.44
C PHE A 238 8.84 37.03 -13.16
N GLY A 239 8.70 38.27 -12.68
CA GLY A 239 9.36 38.64 -11.44
C GLY A 239 8.83 37.91 -10.23
N ILE A 240 7.51 37.79 -10.11
CA ILE A 240 6.96 37.09 -8.95
C ILE A 240 7.23 35.59 -9.03
N MET A 241 7.28 35.04 -10.24
CA MET A 241 7.67 33.64 -10.40
C MET A 241 9.12 33.42 -10.01
N LEU A 242 9.99 34.39 -10.36
CA LEU A 242 11.39 34.32 -9.95
C LEU A 242 11.52 34.34 -8.44
N HIS A 243 10.82 35.26 -7.77
CA HIS A 243 10.93 35.34 -6.32
C HIS A 243 10.36 34.09 -5.64
N LEU A 244 9.25 33.57 -6.14
CA LEU A 244 8.68 32.36 -5.57
C LEU A 244 9.60 31.16 -5.78
N TYR A 245 10.35 31.15 -6.89
CA TYR A 245 11.28 30.04 -7.10
C TYR A 245 12.50 30.14 -6.20
N VAL A 246 12.97 31.36 -5.90
CA VAL A 246 14.04 31.46 -4.90
C VAL A 246 13.54 31.03 -3.53
N ARG A 247 12.29 31.36 -3.18
CA ARG A 247 11.76 30.89 -1.89
C ARG A 247 11.57 29.39 -1.86
N ILE A 248 11.24 28.76 -2.99
CA ILE A 248 11.15 27.30 -3.04
C ILE A 248 12.53 26.67 -2.90
N CYS A 249 13.51 27.20 -3.62
CA CYS A 249 14.82 26.57 -3.60
C CYS A 249 15.60 26.88 -2.34
N GLN A 250 15.15 27.88 -1.57
CA GLN A 250 15.73 28.12 -0.25
C GLN A 250 15.54 26.93 0.69
N VAL A 251 14.46 26.17 0.52
CA VAL A 251 14.28 24.96 1.30
C VAL A 251 14.65 23.70 0.52
N VAL A 252 14.67 23.76 -0.81
CA VAL A 252 15.25 22.65 -1.59
C VAL A 252 16.72 22.45 -1.23
N TRP A 253 17.47 23.55 -1.16
CA TRP A 253 18.89 23.47 -0.79
C TRP A 253 19.07 22.99 0.65
N ARG A 254 18.19 23.42 1.55
CA ARG A 254 18.28 22.99 2.94
C ARG A 254 18.03 21.50 3.09
N HIS A 255 17.02 20.97 2.39
CA HIS A 255 16.75 19.54 2.44
C HIS A 255 17.88 18.75 1.82
N ALA A 256 18.47 19.24 0.72
CA ALA A 256 19.60 18.56 0.10
C ALA A 256 20.81 18.55 1.03
N HIS A 257 21.05 19.66 1.73
CA HIS A 257 22.17 19.74 2.66
C HIS A 257 21.98 18.79 3.84
N GLN A 258 20.76 18.72 4.37
CA GLN A 258 20.50 17.78 5.47
C GLN A 258 20.63 16.34 5.01
N ILE A 259 20.18 16.04 3.79
CA ILE A 259 20.29 14.68 3.24
C ILE A 259 21.77 14.29 3.05
N ALA A 260 22.58 15.22 2.52
CA ALA A 260 23.99 14.94 2.34
C ALA A 260 24.73 14.84 3.66
N LEU A 261 24.34 15.64 4.65
CA LEU A 261 24.95 15.56 5.97
C LEU A 261 24.55 14.29 6.71
N GLN A 262 23.40 13.70 6.35
CA GLN A 262 22.98 12.45 6.97
C GLN A 262 23.92 11.30 6.67
N GLN A 263 24.43 11.23 5.44
CA GLN A 263 25.35 10.17 5.03
C GLN A 263 26.77 10.71 5.10
N HIS A 264 27.61 10.07 5.92
CA HIS A 264 28.99 10.48 6.06
C HIS A 264 29.82 10.12 4.84
N THR A 274 21.44 17.79 -4.47
CA THR A 274 22.25 17.25 -5.56
C THR A 274 22.09 18.11 -6.82
N ARG A 275 22.52 17.55 -7.96
CA ARG A 275 22.41 18.24 -9.23
C ARG A 275 21.03 18.18 -9.84
N LYS A 276 20.17 17.31 -9.32
CA LYS A 276 18.80 17.20 -9.83
C LYS A 276 18.02 18.49 -9.60
N GLY A 277 18.20 19.11 -8.43
CA GLY A 277 17.46 20.32 -8.12
C GLY A 277 17.85 21.50 -9.01
N VAL A 278 19.15 21.71 -9.20
CA VAL A 278 19.61 22.83 -10.03
C VAL A 278 19.29 22.57 -11.50
N GLY A 279 19.41 21.31 -11.94
CA GLY A 279 19.02 20.98 -13.30
C GLY A 279 17.54 21.20 -13.55
N THR A 280 16.69 20.79 -12.59
CA THR A 280 15.26 21.00 -12.72
C THR A 280 14.92 22.49 -12.70
N LEU A 281 15.57 23.26 -11.82
CA LEU A 281 15.44 24.72 -11.81
C LEU A 281 15.73 25.32 -13.16
N ALA A 282 16.87 24.95 -13.75
CA ALA A 282 17.26 25.49 -15.05
C ALA A 282 16.23 25.14 -16.10
N VAL A 283 15.79 23.88 -16.15
CA VAL A 283 14.95 23.50 -17.28
C VAL A 283 13.51 23.98 -17.10
N VAL A 284 13.10 24.39 -15.89
CA VAL A 284 11.75 24.97 -15.78
C VAL A 284 11.80 26.49 -15.94
N LEU A 285 12.86 27.14 -15.48
CA LEU A 285 12.85 28.60 -15.45
C LEU A 285 13.56 29.24 -16.64
N GLY A 286 14.63 28.63 -17.15
CA GLY A 286 15.34 29.22 -18.26
C GLY A 286 14.56 29.22 -19.55
N THR A 287 13.65 28.26 -19.71
CA THR A 287 12.78 28.28 -20.89
C THR A 287 11.83 29.48 -20.85
N PHE A 288 11.30 29.79 -19.67
CA PHE A 288 10.45 30.98 -19.54
C PHE A 288 11.28 32.26 -19.64
N GLY A 289 12.51 32.22 -19.18
CA GLY A 289 13.36 33.39 -19.27
C GLY A 289 14.02 33.61 -20.61
N ALA A 290 13.98 32.62 -21.49
CA ALA A 290 14.61 32.74 -22.79
C ALA A 290 13.64 32.60 -23.96
N SER A 291 12.37 32.30 -23.70
CA SER A 291 11.39 32.20 -24.77
C SER A 291 10.55 33.46 -24.88
N TRP A 292 9.84 33.82 -23.81
CA TRP A 292 8.95 34.97 -23.88
C TRP A 292 9.69 36.29 -23.72
N LEU A 293 10.93 36.25 -23.24
CA LEU A 293 11.67 37.49 -22.99
C LEU A 293 11.99 38.29 -24.26
N PRO A 294 12.47 37.68 -25.37
CA PRO A 294 12.67 38.50 -26.58
C PRO A 294 11.39 39.08 -27.15
N PHE A 295 10.25 38.43 -26.93
CA PHE A 295 8.98 38.97 -27.40
C PHE A 295 8.66 40.25 -26.65
N ALA A 296 8.84 40.24 -25.33
CA ALA A 296 8.62 41.44 -24.53
C ALA A 296 9.62 42.53 -24.88
N ILE A 297 10.87 42.14 -25.18
CA ILE A 297 11.88 43.13 -25.55
C ILE A 297 11.52 43.80 -26.86
N TYR A 298 11.12 43.01 -27.87
CA TYR A 298 10.79 43.59 -29.16
C TYR A 298 9.53 44.43 -29.09
N CYS A 299 8.58 44.04 -28.25
CA CYS A 299 7.42 44.90 -28.08
C CYS A 299 7.70 46.15 -27.24
N VAL A 300 8.74 46.16 -26.42
CA VAL A 300 9.00 47.33 -25.60
C VAL A 300 9.95 48.32 -26.27
N VAL A 301 10.76 47.87 -27.24
CA VAL A 301 11.66 48.80 -27.92
C VAL A 301 11.39 48.92 -29.41
N GLY A 302 10.64 48.02 -30.02
CA GLY A 302 10.47 48.02 -31.46
C GLY A 302 9.37 48.96 -31.95
N SER A 303 9.25 49.02 -33.27
CA SER A 303 8.24 49.81 -33.94
C SER A 303 7.76 49.04 -35.17
N HIS A 304 6.56 49.40 -35.65
CA HIS A 304 5.93 48.61 -36.70
C HIS A 304 6.57 48.83 -38.06
N GLU A 305 7.36 49.90 -38.24
CA GLU A 305 8.00 50.12 -39.52
C GLU A 305 9.18 49.19 -39.76
N ASP A 306 9.63 48.49 -38.73
CA ASP A 306 10.68 47.49 -38.89
C ASP A 306 10.16 46.28 -39.65
N PRO A 307 11.03 45.52 -40.30
CA PRO A 307 10.60 44.30 -40.99
C PRO A 307 10.07 43.24 -40.03
N ALA A 308 9.12 42.45 -40.53
CA ALA A 308 8.41 41.47 -39.71
C ALA A 308 9.17 40.15 -39.55
N VAL A 309 10.31 40.00 -40.23
CA VAL A 309 11.08 38.76 -40.12
C VAL A 309 11.60 38.57 -38.71
N TYR A 310 12.10 39.64 -38.08
CA TYR A 310 12.53 39.55 -36.69
C TYR A 310 11.36 39.32 -35.76
N THR A 311 10.19 39.88 -36.08
CA THR A 311 9.00 39.68 -35.25
C THR A 311 8.57 38.22 -35.25
N TYR A 312 8.57 37.59 -36.43
CA TYR A 312 8.29 36.15 -36.48
C TYR A 312 9.38 35.35 -35.79
N ALA A 313 10.63 35.82 -35.90
CA ALA A 313 11.75 35.12 -35.29
C ALA A 313 11.66 35.12 -33.77
N THR A 314 11.13 36.19 -33.17
CA THR A 314 10.96 36.18 -31.73
C THR A 314 9.61 35.65 -31.30
N LEU A 315 8.65 35.51 -32.22
CA LEU A 315 7.39 34.89 -31.84
C LEU A 315 7.50 33.37 -31.87
N LEU A 316 8.46 32.84 -32.64
CA LEU A 316 8.69 31.39 -32.64
C LEU A 316 9.05 30.78 -31.28
N PRO A 317 9.93 31.35 -30.44
CA PRO A 317 10.19 30.72 -29.14
C PRO A 317 8.99 30.69 -28.20
N ALA A 318 8.00 31.55 -28.38
CA ALA A 318 6.76 31.41 -27.62
C ALA A 318 6.07 30.09 -27.94
N THR A 319 6.00 29.74 -29.22
CA THR A 319 5.47 28.44 -29.62
C THR A 319 6.37 27.31 -29.15
N TYR A 320 7.68 27.54 -29.10
CA TYR A 320 8.57 26.50 -28.58
C TYR A 320 8.36 26.26 -27.08
N ASN A 321 8.08 27.33 -26.32
CA ASN A 321 7.81 27.17 -24.89
C ASN A 321 6.45 26.48 -24.73
N SER A 322 5.51 26.80 -25.60
CA SER A 322 4.23 26.10 -25.63
C SER A 322 4.42 24.62 -25.95
N MET A 323 5.43 24.28 -26.76
CA MET A 323 5.78 22.89 -26.97
C MET A 323 6.37 22.26 -25.72
N ILE A 324 7.28 22.97 -25.04
CA ILE A 324 8.09 22.36 -24.00
C ILE A 324 7.41 22.33 -22.63
N ASN A 325 6.35 23.11 -22.43
CA ASN A 325 5.69 23.13 -21.11
C ASN A 325 5.02 21.81 -20.71
N PRO A 326 4.27 21.09 -21.58
CA PRO A 326 3.77 19.77 -21.15
C PRO A 326 4.87 18.78 -20.83
N ILE A 327 5.96 18.79 -21.59
CA ILE A 327 7.07 17.89 -21.33
C ILE A 327 7.75 18.24 -20.01
N ILE A 328 7.75 19.53 -19.64
CA ILE A 328 8.34 19.92 -18.37
C ILE A 328 7.45 19.48 -17.21
N TYR A 329 6.14 19.69 -17.31
CA TYR A 329 5.30 19.53 -16.12
C TYR A 329 4.55 18.20 -16.08
N ALA A 330 3.82 17.86 -17.14
CA ALA A 330 2.94 16.71 -17.06
C ALA A 330 3.66 15.40 -17.36
N PHE A 331 4.54 15.39 -18.37
CA PHE A 331 5.05 14.15 -18.94
C PHE A 331 6.01 13.41 -18.02
N ARG A 332 6.72 14.11 -17.14
CA ARG A 332 7.67 13.43 -16.26
C ARG A 332 7.03 12.94 -14.96
N ASN A 333 5.77 13.28 -14.72
CA ASN A 333 5.11 12.80 -13.52
C ASN A 333 4.81 11.31 -13.64
N GLN A 334 4.94 10.61 -12.51
CA GLN A 334 4.79 9.16 -12.50
C GLN A 334 3.36 8.74 -12.82
N GLU A 335 2.37 9.45 -12.26
CA GLU A 335 0.98 9.10 -12.51
C GLU A 335 0.58 9.34 -13.96
N ILE A 336 1.04 10.44 -14.54
CA ILE A 336 0.73 10.72 -15.94
C ILE A 336 1.45 9.74 -16.85
N GLN A 337 2.68 9.36 -16.51
CA GLN A 337 3.39 8.36 -17.29
C GLN A 337 2.70 7.00 -17.21
N ARG A 338 2.19 6.63 -16.04
CA ARG A 338 1.46 5.38 -15.90
C ARG A 338 0.15 5.41 -16.68
N ALA A 339 -0.54 6.55 -16.67
CA ALA A 339 -1.77 6.69 -17.46
C ALA A 339 -1.48 6.60 -18.96
N LEU A 340 -0.38 7.19 -19.40
CA LEU A 340 0.00 7.11 -20.81
C LEU A 340 0.39 5.69 -21.20
N TRP A 341 1.08 4.98 -20.32
CA TRP A 341 1.43 3.59 -20.59
C TRP A 341 0.20 2.70 -20.62
N LEU A 342 -0.78 2.98 -19.75
CA LEU A 342 -2.02 2.22 -19.76
C LEU A 342 -2.84 2.50 -21.01
N LEU A 343 -2.82 3.76 -21.48
CA LEU A 343 -3.49 4.09 -22.73
C LEU A 343 -2.79 3.43 -23.92
N LEU A 344 -1.46 3.36 -23.88
CA LEU A 344 -0.69 2.73 -24.95
C LEU A 344 -0.61 1.22 -24.75
N SER B 12 11.89 -37.65 28.67
CA SER B 12 11.06 -38.79 29.04
C SER B 12 9.76 -38.80 28.23
N GLU B 13 8.80 -37.96 28.64
CA GLU B 13 7.51 -37.94 27.98
C GLU B 13 7.57 -37.21 26.65
N LEU B 14 8.40 -36.16 26.57
CA LEU B 14 8.39 -35.27 25.40
C LEU B 14 8.94 -35.99 24.18
N ASP B 15 10.03 -36.75 24.33
CA ASP B 15 10.62 -37.42 23.18
C ASP B 15 9.74 -38.55 22.66
N GLN B 16 9.10 -39.30 23.55
CA GLN B 16 8.21 -40.36 23.09
C GLN B 16 6.94 -39.78 22.47
N LEU B 17 6.47 -38.65 22.99
CA LEU B 17 5.33 -37.97 22.37
C LEU B 17 5.70 -37.47 20.98
N ARG B 18 6.91 -36.92 20.83
CA ARG B 18 7.35 -36.45 19.52
C ARG B 18 7.53 -37.60 18.54
N GLN B 19 8.05 -38.74 19.01
CA GLN B 19 8.21 -39.87 18.10
C GLN B 19 6.86 -40.51 17.76
N GLU B 20 5.89 -40.44 18.67
CA GLU B 20 4.53 -40.86 18.33
C GLU B 20 3.91 -39.94 17.30
N ALA B 21 4.17 -38.63 17.42
CA ALA B 21 3.68 -37.68 16.43
C ALA B 21 4.33 -37.91 15.07
N GLU B 22 5.62 -38.24 15.06
CA GLU B 22 6.30 -38.55 13.81
C GLU B 22 5.78 -39.83 13.18
N GLN B 23 5.49 -40.85 14.00
CA GLN B 23 4.93 -42.10 13.49
C GLN B 23 3.54 -41.85 12.91
N LEU B 24 2.74 -41.04 13.59
CA LEU B 24 1.42 -40.68 13.09
C LEU B 24 1.50 -39.92 11.78
N LYS B 25 2.43 -38.96 11.69
CA LYS B 25 2.60 -38.18 10.48
C LYS B 25 3.06 -39.04 9.31
N ASN B 26 3.96 -40.00 9.57
CA ASN B 26 4.39 -40.92 8.53
C ASN B 26 3.24 -41.81 8.07
N GLN B 27 2.40 -42.26 9.01
CA GLN B 27 1.23 -43.06 8.66
C GLN B 27 0.26 -42.27 7.79
N ILE B 28 0.03 -41.00 8.13
CA ILE B 28 -0.90 -40.18 7.36
C ILE B 28 -0.33 -39.86 5.97
N ARG B 29 0.99 -39.64 5.88
CA ARG B 29 1.61 -39.44 4.57
C ARG B 29 1.50 -40.69 3.70
N ASP B 30 1.69 -41.86 4.30
CA ASP B 30 1.51 -43.12 3.58
C ASP B 30 0.06 -43.30 3.14
N ALA B 31 -0.90 -42.90 3.99
CA ALA B 31 -2.31 -43.01 3.64
C ALA B 31 -2.67 -42.04 2.52
N ARG B 32 -2.05 -40.85 2.51
CA ARG B 32 -2.23 -39.92 1.40
C ARG B 32 -1.69 -40.52 0.11
N LYS B 33 -0.50 -41.13 0.17
CA LYS B 33 0.13 -41.67 -1.02
C LYS B 33 -0.57 -42.92 -1.53
N ALA B 34 -1.29 -43.63 -0.66
CA ALA B 34 -1.98 -44.86 -1.09
C ALA B 34 -3.12 -44.55 -2.05
N CYS B 35 -3.89 -43.48 -1.78
CA CYS B 35 -5.06 -43.16 -2.56
C CYS B 35 -4.75 -42.25 -3.75
N ALA B 36 -3.48 -41.91 -3.97
CA ALA B 36 -3.10 -41.06 -5.10
C ALA B 36 -2.77 -41.94 -6.30
N ASP B 37 -3.83 -42.53 -6.87
CA ASP B 37 -3.64 -43.40 -8.02
C ASP B 37 -3.35 -42.62 -9.29
N ALA B 38 -3.83 -41.38 -9.38
CA ALA B 38 -3.61 -40.53 -10.53
C ALA B 38 -3.80 -39.09 -10.12
N THR B 39 -3.45 -38.17 -11.02
CA THR B 39 -3.72 -36.76 -10.85
C THR B 39 -4.67 -36.30 -11.93
N LEU B 40 -5.30 -35.14 -11.69
CA LEU B 40 -6.29 -34.61 -12.63
C LEU B 40 -5.64 -33.88 -13.80
N SER B 41 -4.31 -33.73 -13.79
CA SER B 41 -3.62 -33.12 -14.92
C SER B 41 -3.76 -33.96 -16.19
N GLN B 42 -3.83 -35.28 -16.03
CA GLN B 42 -4.03 -36.16 -17.17
C GLN B 42 -5.49 -36.51 -17.43
N ILE B 43 -6.42 -35.93 -16.67
CA ILE B 43 -7.83 -36.21 -16.88
C ILE B 43 -8.64 -34.96 -17.23
N THR B 44 -8.10 -33.76 -17.04
CA THR B 44 -8.81 -32.53 -17.35
C THR B 44 -8.46 -31.96 -18.72
N ASN B 45 -7.57 -32.62 -19.47
CA ASN B 45 -7.20 -32.11 -20.78
C ASN B 45 -8.21 -32.42 -21.86
N ASN B 46 -9.18 -33.30 -21.59
CA ASN B 46 -10.11 -33.73 -22.62
C ASN B 46 -11.11 -32.63 -22.95
N ILE B 47 -11.63 -31.94 -21.95
CA ILE B 47 -12.55 -30.83 -22.19
C ILE B 47 -11.75 -29.66 -22.74
N ASP B 48 -12.24 -29.07 -23.83
CA ASP B 48 -11.53 -28.01 -24.52
C ASP B 48 -11.43 -26.78 -23.63
N PRO B 49 -10.30 -26.06 -23.67
CA PRO B 49 -10.13 -24.92 -22.77
C PRO B 49 -11.03 -23.76 -23.14
N VAL B 50 -11.25 -22.88 -22.16
CA VAL B 50 -12.12 -21.74 -22.35
C VAL B 50 -11.51 -20.68 -23.26
N GLY B 51 -10.22 -20.73 -23.51
CA GLY B 51 -9.58 -19.77 -24.37
C GLY B 51 -9.38 -18.44 -23.67
N ARG B 52 -9.19 -17.40 -24.48
CA ARG B 52 -8.99 -16.07 -23.93
C ARG B 52 -10.30 -15.53 -23.37
N ILE B 53 -10.24 -15.02 -22.15
CA ILE B 53 -11.39 -14.41 -21.49
C ILE B 53 -11.01 -12.97 -21.15
N GLN B 54 -11.70 -12.03 -21.77
CA GLN B 54 -11.42 -10.61 -21.59
C GLN B 54 -12.68 -9.91 -21.15
N MET B 55 -12.59 -9.14 -20.07
CA MET B 55 -13.73 -8.39 -19.55
C MET B 55 -13.29 -6.98 -19.22
N ARG B 56 -14.23 -6.05 -19.35
CA ARG B 56 -13.95 -4.62 -19.28
C ARG B 56 -14.65 -4.03 -18.06
N THR B 57 -14.03 -3.00 -17.47
CA THR B 57 -14.64 -2.27 -16.38
C THR B 57 -15.96 -1.64 -16.81
N ARG B 58 -17.06 -2.17 -16.28
CA ARG B 58 -18.38 -1.64 -16.63
C ARG B 58 -18.70 -0.41 -15.79
N ARG B 59 -18.70 -0.56 -14.48
CA ARG B 59 -18.89 0.55 -13.54
C ARG B 59 -17.73 0.64 -12.59
N THR B 60 -17.33 1.87 -12.28
CA THR B 60 -16.28 2.16 -11.31
C THR B 60 -16.88 3.03 -10.21
N LEU B 61 -17.11 2.41 -9.06
CA LEU B 61 -17.70 3.11 -7.93
C LEU B 61 -16.63 3.94 -7.24
N ARG B 62 -16.80 5.25 -7.26
CA ARG B 62 -15.87 6.19 -6.66
C ARG B 62 -16.53 6.87 -5.46
N GLY B 63 -15.71 7.20 -4.47
CA GLY B 63 -16.24 7.87 -3.30
C GLY B 63 -15.57 7.52 -1.99
N HIS B 64 -14.80 6.44 -1.97
CA HIS B 64 -14.00 6.12 -0.80
C HIS B 64 -12.72 6.93 -0.81
N LEU B 65 -12.13 7.10 0.37
CA LEU B 65 -10.93 7.93 0.53
C LEU B 65 -9.67 7.10 0.73
N ALA B 66 -9.65 6.26 1.76
CA ALA B 66 -8.45 5.50 2.08
C ALA B 66 -8.46 4.19 1.30
N LYS B 67 -7.57 3.28 1.67
CA LYS B 67 -7.52 1.98 1.02
C LYS B 67 -8.76 1.16 1.34
N ILE B 68 -9.23 0.40 0.37
CA ILE B 68 -10.42 -0.41 0.51
C ILE B 68 -9.94 -1.82 0.80
N TYR B 69 -10.36 -2.38 1.93
CA TYR B 69 -9.77 -3.63 2.39
C TYR B 69 -10.63 -4.84 2.09
N ALA B 70 -11.95 -4.74 2.25
CA ALA B 70 -12.83 -5.87 2.02
C ALA B 70 -14.14 -5.38 1.42
N MET B 71 -14.74 -6.21 0.57
CA MET B 71 -16.13 -6.01 0.20
C MET B 71 -16.86 -7.34 0.24
N HIS B 72 -18.18 -7.26 0.19
CA HIS B 72 -19.03 -8.43 0.12
C HIS B 72 -20.29 -8.08 -0.67
N TRP B 73 -20.84 -9.08 -1.33
CA TRP B 73 -22.05 -8.92 -2.09
C TRP B 73 -23.27 -9.23 -1.23
N GLY B 74 -24.45 -9.10 -1.81
CA GLY B 74 -25.68 -9.45 -1.16
C GLY B 74 -26.30 -10.71 -1.75
N THR B 75 -27.41 -11.12 -1.15
CA THR B 75 -28.15 -12.26 -1.68
C THR B 75 -28.87 -11.91 -2.97
N ASP B 76 -29.24 -10.64 -3.13
CA ASP B 76 -29.94 -10.21 -4.34
C ASP B 76 -29.01 -9.92 -5.50
N SER B 77 -27.69 -9.98 -5.28
CA SER B 77 -26.66 -9.72 -6.30
C SER B 77 -26.78 -8.32 -6.90
N ARG B 78 -27.27 -7.37 -6.11
CA ARG B 78 -27.55 -6.02 -6.59
C ARG B 78 -26.89 -5.00 -5.68
N LEU B 79 -26.85 -5.28 -4.38
CA LEU B 79 -26.27 -4.41 -3.39
C LEU B 79 -24.95 -4.97 -2.90
N LEU B 80 -23.99 -4.09 -2.60
CA LEU B 80 -22.71 -4.50 -2.08
C LEU B 80 -22.27 -3.53 -0.99
N VAL B 81 -21.42 -4.03 -0.10
CA VAL B 81 -20.88 -3.28 1.03
C VAL B 81 -19.38 -3.16 0.86
N SER B 82 -18.85 -1.95 0.96
CA SER B 82 -17.42 -1.71 0.91
C SER B 82 -16.96 -1.11 2.23
N ALA B 83 -15.91 -1.67 2.80
CA ALA B 83 -15.32 -1.16 4.03
C ALA B 83 -13.92 -0.64 3.72
N SER B 84 -13.67 0.62 4.07
CA SER B 84 -12.39 1.24 3.80
C SER B 84 -11.76 1.71 5.10
N GLN B 85 -10.48 2.06 5.03
CA GLN B 85 -9.71 2.40 6.21
C GLN B 85 -9.87 3.84 6.62
N ASP B 86 -10.76 4.60 5.99
CA ASP B 86 -11.05 5.95 6.43
C ASP B 86 -12.12 6.00 7.52
N GLY B 87 -12.66 4.85 7.92
CA GLY B 87 -13.69 4.80 8.92
C GLY B 87 -15.11 4.84 8.40
N LYS B 88 -15.31 4.62 7.11
CA LYS B 88 -16.63 4.69 6.49
C LYS B 88 -16.95 3.38 5.80
N LEU B 89 -18.18 2.93 5.97
CA LEU B 89 -18.72 1.75 5.31
C LEU B 89 -19.87 2.20 4.43
N ILE B 90 -19.79 1.88 3.14
CA ILE B 90 -20.71 2.40 2.15
C ILE B 90 -21.46 1.23 1.52
N ILE B 91 -22.79 1.29 1.58
CA ILE B 91 -23.63 0.33 0.87
C ILE B 91 -23.86 0.88 -0.53
N TRP B 92 -23.42 0.13 -1.54
CA TRP B 92 -23.50 0.58 -2.91
C TRP B 92 -24.67 -0.07 -3.62
N ASP B 93 -25.19 0.63 -4.62
CA ASP B 93 -26.17 0.08 -5.55
C ASP B 93 -25.43 -0.16 -6.86
N SER B 94 -25.12 -1.43 -7.14
CA SER B 94 -24.25 -1.77 -8.25
C SER B 94 -24.91 -1.56 -9.60
N TYR B 95 -26.24 -1.55 -9.65
CA TYR B 95 -26.92 -1.37 -10.93
C TYR B 95 -26.85 0.08 -11.40
N THR B 96 -27.02 1.04 -10.48
CA THR B 96 -27.17 2.45 -10.84
C THR B 96 -26.10 3.34 -10.20
N THR B 97 -24.97 2.76 -9.79
CA THR B 97 -23.81 3.47 -9.20
C THR B 97 -24.21 4.35 -8.02
N ASN B 98 -25.21 3.93 -7.26
CA ASN B 98 -25.75 4.77 -6.20
C ASN B 98 -25.25 4.34 -4.85
N LYS B 99 -25.25 5.28 -3.91
CA LYS B 99 -24.93 5.02 -2.51
C LYS B 99 -26.22 5.04 -1.71
N VAL B 100 -26.49 3.96 -0.99
CA VAL B 100 -27.71 3.85 -0.20
C VAL B 100 -27.49 4.33 1.23
N HIS B 101 -26.39 3.90 1.85
CA HIS B 101 -26.01 4.36 3.18
C HIS B 101 -24.50 4.53 3.23
N ALA B 102 -24.06 5.40 4.14
CA ALA B 102 -22.64 5.64 4.40
C ALA B 102 -22.45 5.61 5.90
N ILE B 103 -22.24 4.40 6.43
CA ILE B 103 -22.18 4.19 7.87
C ILE B 103 -20.83 4.62 8.41
N PRO B 104 -20.78 5.57 9.33
CA PRO B 104 -19.51 5.88 10.02
C PRO B 104 -19.21 4.83 11.07
N LEU B 105 -17.93 4.61 11.30
CA LEU B 105 -17.47 3.53 12.16
C LEU B 105 -16.73 4.08 13.37
N ARG B 106 -16.81 3.33 14.48
CA ARG B 106 -16.15 3.74 15.70
C ARG B 106 -14.63 3.65 15.59
N SER B 107 -14.13 2.66 14.86
CA SER B 107 -12.70 2.48 14.65
C SER B 107 -12.40 2.71 13.17
N SER B 108 -11.31 3.43 12.92
CA SER B 108 -10.96 3.78 11.54
C SER B 108 -10.43 2.59 10.76
N TRP B 109 -9.76 1.66 11.43
CA TRP B 109 -9.17 0.51 10.77
C TRP B 109 -10.12 -0.67 10.78
N VAL B 110 -10.56 -1.07 9.60
CA VAL B 110 -11.34 -2.28 9.40
C VAL B 110 -10.69 -3.10 8.31
N MET B 111 -10.77 -4.42 8.43
CA MET B 111 -10.31 -5.30 7.37
C MET B 111 -11.36 -6.32 6.96
N THR B 112 -12.59 -6.21 7.47
CA THR B 112 -13.62 -7.15 7.10
C THR B 112 -14.98 -6.47 7.12
N CYS B 113 -15.87 -6.95 6.28
CA CYS B 113 -17.25 -6.53 6.28
C CYS B 113 -18.09 -7.68 5.73
N ALA B 114 -19.33 -7.75 6.19
CA ALA B 114 -20.19 -8.84 5.79
C ALA B 114 -21.60 -8.31 5.54
N TYR B 115 -22.33 -9.04 4.70
CA TYR B 115 -23.73 -8.75 4.41
C TYR B 115 -24.54 -9.96 4.85
N ALA B 116 -25.55 -9.72 5.68
CA ALA B 116 -26.38 -10.81 6.16
C ALA B 116 -27.21 -11.38 5.01
N PRO B 117 -27.46 -12.70 5.00
CA PRO B 117 -28.29 -13.28 3.93
C PRO B 117 -29.72 -12.76 3.92
N SER B 118 -30.25 -12.34 5.06
CA SER B 118 -31.58 -11.74 5.10
C SER B 118 -31.58 -10.28 4.69
N GLY B 119 -30.42 -9.67 4.48
CA GLY B 119 -30.36 -8.30 4.03
C GLY B 119 -30.70 -7.27 5.07
N ASN B 120 -30.61 -7.61 6.36
CA ASN B 120 -30.98 -6.70 7.43
C ASN B 120 -29.80 -6.17 8.23
N TYR B 121 -28.64 -6.83 8.18
CA TYR B 121 -27.51 -6.47 9.01
C TYR B 121 -26.25 -6.41 8.17
N VAL B 122 -25.33 -5.55 8.59
CA VAL B 122 -23.99 -5.49 8.02
C VAL B 122 -22.99 -5.61 9.17
N ALA B 123 -22.14 -6.62 9.10
CA ALA B 123 -21.11 -6.82 10.11
C ALA B 123 -19.87 -6.04 9.72
N CYS B 124 -19.10 -5.63 10.72
CA CYS B 124 -17.92 -4.82 10.52
C CYS B 124 -16.93 -5.08 11.65
N GLY B 125 -15.66 -5.21 11.29
CA GLY B 125 -14.64 -5.51 12.26
C GLY B 125 -13.28 -5.14 11.76
N GLY B 126 -12.33 -5.07 12.68
CA GLY B 126 -10.99 -4.67 12.34
C GLY B 126 -10.00 -4.81 13.47
N LEU B 127 -9.12 -3.81 13.63
CA LEU B 127 -8.04 -3.88 14.59
C LEU B 127 -8.47 -3.49 15.99
N ASP B 128 -9.72 -3.09 16.20
CA ASP B 128 -10.23 -2.72 17.50
C ASP B 128 -10.70 -3.91 18.33
N ASN B 129 -10.48 -5.13 17.82
CA ASN B 129 -10.83 -6.39 18.48
C ASN B 129 -12.33 -6.51 18.73
N ILE B 130 -13.13 -5.85 17.88
CA ILE B 130 -14.56 -5.71 18.09
C ILE B 130 -15.27 -5.94 16.75
N CYS B 131 -16.27 -6.82 16.75
CA CYS B 131 -17.09 -7.06 15.56
C CYS B 131 -18.39 -6.29 15.73
N SER B 132 -18.47 -5.12 15.13
CA SER B 132 -19.65 -4.27 15.24
C SER B 132 -20.65 -4.64 14.15
N ILE B 133 -21.87 -4.94 14.56
CA ILE B 133 -22.94 -5.34 13.65
C ILE B 133 -24.04 -4.28 13.70
N TYR B 134 -24.39 -3.76 12.52
CA TYR B 134 -25.33 -2.67 12.40
C TYR B 134 -26.68 -3.19 11.92
N ASN B 135 -27.70 -2.34 12.06
CA ASN B 135 -29.07 -2.66 11.65
C ASN B 135 -29.44 -1.80 10.44
N LEU B 136 -29.94 -2.44 9.39
CA LEU B 136 -30.36 -1.73 8.19
C LEU B 136 -31.86 -1.51 8.10
N LYS B 137 -32.64 -2.27 8.86
CA LYS B 137 -34.09 -2.20 8.80
C LYS B 137 -34.59 -1.14 9.79
N THR B 138 -35.90 -1.18 10.06
CA THR B 138 -36.64 -0.35 11.02
C THR B 138 -36.69 1.12 10.62
N ARG B 139 -37.63 1.87 11.21
CA ARG B 139 -38.02 3.18 10.70
C ARG B 139 -37.35 4.34 11.43
N GLU B 140 -36.41 4.09 12.33
CA GLU B 140 -35.74 5.21 12.97
C GLU B 140 -34.72 5.83 12.03
N GLY B 141 -34.23 7.01 12.41
CA GLY B 141 -33.29 7.73 11.57
C GLY B 141 -31.93 7.05 11.54
N ASN B 142 -31.29 7.11 10.36
CA ASN B 142 -29.93 6.63 10.11
C ASN B 142 -29.77 5.15 10.39
N VAL B 143 -28.52 4.70 10.54
CA VAL B 143 -28.19 3.31 10.80
C VAL B 143 -27.57 3.22 12.19
N ARG B 144 -28.15 2.38 13.04
CA ARG B 144 -27.76 2.27 14.43
C ARG B 144 -27.16 0.89 14.69
N VAL B 145 -26.03 0.87 15.40
CA VAL B 145 -25.36 -0.38 15.75
C VAL B 145 -26.21 -1.14 16.76
N SER B 146 -26.44 -2.42 16.49
CA SER B 146 -27.29 -3.24 17.33
C SER B 146 -26.52 -3.91 18.46
N ARG B 147 -25.52 -4.73 18.12
CA ARG B 147 -24.71 -5.41 19.10
C ARG B 147 -23.24 -5.14 18.85
N GLU B 148 -22.41 -5.56 19.80
CA GLU B 148 -20.98 -5.34 19.75
C GLU B 148 -20.31 -6.52 20.44
N LEU B 149 -19.57 -7.32 19.67
CA LEU B 149 -18.97 -8.54 20.18
C LEU B 149 -17.49 -8.31 20.46
N ALA B 150 -17.07 -8.60 21.69
CA ALA B 150 -15.68 -8.42 22.09
C ALA B 150 -15.36 -9.51 23.11
N GLY B 151 -14.79 -10.61 22.63
CA GLY B 151 -14.49 -11.74 23.49
C GLY B 151 -13.20 -12.46 23.13
N HIS B 152 -12.32 -11.79 22.41
CA HIS B 152 -11.07 -12.39 21.94
C HIS B 152 -9.93 -11.40 22.06
N THR B 153 -8.71 -11.91 21.99
CA THR B 153 -7.50 -11.15 22.26
C THR B 153 -6.65 -11.00 21.01
N GLY B 154 -7.29 -10.68 19.89
CA GLY B 154 -6.54 -10.49 18.66
C GLY B 154 -7.38 -9.76 17.64
N TYR B 155 -6.69 -9.20 16.66
CA TYR B 155 -7.30 -8.42 15.59
C TYR B 155 -8.21 -9.26 14.70
N LEU B 156 -9.34 -8.67 14.32
CA LEU B 156 -10.26 -9.33 13.40
C LEU B 156 -9.64 -9.40 12.02
N SER B 157 -9.93 -10.48 11.31
CA SER B 157 -9.40 -10.64 9.97
C SER B 157 -10.50 -10.81 8.93
N CYS B 158 -11.45 -11.72 9.16
CA CYS B 158 -12.58 -11.88 8.26
C CYS B 158 -13.73 -12.51 9.03
N CYS B 159 -14.93 -12.00 8.80
CA CYS B 159 -16.13 -12.48 9.47
C CYS B 159 -17.26 -12.65 8.46
N ARG B 160 -17.98 -13.76 8.59
CA ARG B 160 -19.06 -14.14 7.69
C ARG B 160 -20.31 -14.44 8.51
N PHE B 161 -21.46 -14.40 7.84
CA PHE B 161 -22.76 -14.59 8.48
C PHE B 161 -23.28 -15.97 8.15
N LEU B 162 -23.65 -16.73 9.19
CA LEU B 162 -24.42 -17.96 8.95
C LEU B 162 -25.85 -17.62 8.55
N ASP B 163 -26.56 -16.95 9.45
CA ASP B 163 -27.87 -16.37 9.19
C ASP B 163 -27.96 -15.13 10.07
N ASP B 164 -29.18 -14.62 10.28
CA ASP B 164 -29.33 -13.45 11.14
C ASP B 164 -29.06 -13.77 12.60
N ASN B 165 -29.12 -15.04 12.99
CA ASN B 165 -29.00 -15.39 14.41
C ASN B 165 -27.56 -15.55 14.86
N GLN B 166 -26.63 -15.82 13.95
CA GLN B 166 -25.26 -16.10 14.36
C GLN B 166 -24.27 -15.61 13.32
N ILE B 167 -23.02 -15.45 13.76
CA ILE B 167 -21.93 -14.94 12.95
C ILE B 167 -20.63 -15.59 13.39
N VAL B 168 -19.82 -16.03 12.45
CA VAL B 168 -18.54 -16.67 12.73
C VAL B 168 -17.42 -15.71 12.34
N THR B 169 -16.42 -15.57 13.20
CA THR B 169 -15.33 -14.63 13.01
C THR B 169 -13.99 -15.36 13.02
N SER B 170 -13.10 -14.93 12.14
CA SER B 170 -11.72 -15.42 12.12
C SER B 170 -10.85 -14.36 12.78
N SER B 171 -10.14 -14.75 13.82
CA SER B 171 -9.41 -13.82 14.67
C SER B 171 -7.91 -13.93 14.42
N GLY B 172 -7.16 -13.03 15.03
CA GLY B 172 -5.72 -12.99 14.91
C GLY B 172 -4.96 -13.57 16.09
N ASP B 173 -5.60 -14.30 16.98
CA ASP B 173 -4.95 -14.94 18.10
C ASP B 173 -5.03 -16.46 17.97
N THR B 174 -4.86 -16.95 16.74
CA THR B 174 -4.89 -18.36 16.37
C THR B 174 -6.21 -19.04 16.77
N THR B 175 -7.31 -18.29 16.77
CA THR B 175 -8.60 -18.82 17.14
C THR B 175 -9.67 -18.39 16.14
N CYS B 176 -10.70 -19.23 16.02
CA CYS B 176 -11.92 -18.90 15.30
C CYS B 176 -13.09 -19.07 16.26
N ALA B 177 -14.08 -18.21 16.15
CA ALA B 177 -15.16 -18.17 17.12
C ALA B 177 -16.51 -18.08 16.41
N LEU B 178 -17.51 -18.69 17.02
CA LEU B 178 -18.89 -18.62 16.56
C LEU B 178 -19.67 -17.80 17.57
N TRP B 179 -20.29 -16.72 17.11
CA TRP B 179 -20.93 -15.75 17.97
C TRP B 179 -22.44 -15.79 17.78
N ASP B 180 -23.16 -15.89 18.89
CA ASP B 180 -24.60 -15.65 18.86
C ASP B 180 -24.87 -14.15 18.85
N ILE B 181 -26.08 -13.78 18.41
CA ILE B 181 -26.41 -12.37 18.24
C ILE B 181 -27.07 -11.76 19.48
N GLU B 182 -28.10 -12.40 20.04
CA GLU B 182 -28.89 -11.80 21.10
C GLU B 182 -28.10 -11.70 22.40
N THR B 183 -27.57 -12.82 22.88
CA THR B 183 -26.77 -12.81 24.10
C THR B 183 -25.40 -12.18 23.89
N GLY B 184 -24.90 -12.18 22.65
CA GLY B 184 -23.58 -11.64 22.38
C GLY B 184 -22.44 -12.43 23.01
N GLN B 185 -22.51 -13.75 22.94
CA GLN B 185 -21.52 -14.62 23.57
C GLN B 185 -20.99 -15.62 22.57
N GLN B 186 -19.83 -16.18 22.88
CA GLN B 186 -19.20 -17.20 22.06
C GLN B 186 -19.87 -18.53 22.34
N THR B 187 -20.64 -19.04 21.37
CA THR B 187 -21.25 -20.35 21.52
C THR B 187 -20.20 -21.44 21.44
N THR B 188 -19.34 -21.39 20.42
CA THR B 188 -18.29 -22.38 20.23
C THR B 188 -17.03 -21.68 19.71
N THR B 189 -15.87 -22.11 20.20
CA THR B 189 -14.60 -21.56 19.77
C THR B 189 -13.76 -22.66 19.11
N PHE B 190 -12.96 -22.25 18.13
CA PHE B 190 -12.18 -23.17 17.31
C PHE B 190 -10.71 -22.84 17.49
N THR B 191 -10.02 -23.61 18.33
CA THR B 191 -8.62 -23.38 18.67
C THR B 191 -7.79 -24.58 18.20
N GLY B 192 -7.29 -24.51 16.97
CA GLY B 192 -6.40 -25.54 16.48
C GLY B 192 -5.22 -25.03 15.67
N HIS B 193 -5.22 -23.74 15.39
CA HIS B 193 -4.18 -23.14 14.55
C HIS B 193 -3.00 -22.71 15.40
N THR B 194 -1.83 -22.61 14.75
CA THR B 194 -0.64 -22.12 15.41
C THR B 194 -0.26 -20.71 15.01
N GLY B 195 -0.59 -20.30 13.78
CA GLY B 195 -0.44 -18.93 13.35
C GLY B 195 -1.81 -18.26 13.30
N ASP B 196 -1.78 -16.94 13.12
CA ASP B 196 -3.02 -16.18 13.11
C ASP B 196 -3.79 -16.40 11.81
N VAL B 197 -5.11 -16.57 11.95
CA VAL B 197 -6.01 -16.89 10.86
C VAL B 197 -6.41 -15.60 10.16
N MET B 198 -6.46 -15.62 8.83
CA MET B 198 -7.06 -14.51 8.10
C MET B 198 -8.40 -14.86 7.50
N SER B 199 -8.46 -15.78 6.56
CA SER B 199 -9.65 -15.89 5.72
C SER B 199 -10.37 -17.20 6.01
N LEU B 200 -11.68 -17.10 6.18
CA LEU B 200 -12.53 -18.27 6.35
C LEU B 200 -13.72 -18.12 5.43
N SER B 201 -14.11 -19.23 4.82
CA SER B 201 -15.18 -19.25 3.83
C SER B 201 -16.20 -20.30 4.22
N LEU B 202 -17.47 -19.95 4.09
CA LEU B 202 -18.56 -20.82 4.52
C LEU B 202 -18.99 -21.73 3.39
N ALA B 203 -19.32 -22.97 3.74
CA ALA B 203 -19.84 -23.92 2.78
C ALA B 203 -21.25 -23.53 2.35
N PRO B 204 -21.68 -23.94 1.16
CA PRO B 204 -23.04 -23.59 0.72
C PRO B 204 -24.17 -24.14 1.57
N ASP B 205 -23.96 -25.24 2.29
CA ASP B 205 -25.01 -25.80 3.12
C ASP B 205 -25.02 -25.23 4.53
N THR B 206 -24.17 -24.22 4.81
CA THR B 206 -24.03 -23.53 6.11
C THR B 206 -23.86 -24.52 7.26
N ARG B 207 -22.96 -25.49 7.06
CA ARG B 207 -22.65 -26.45 8.10
C ARG B 207 -21.17 -26.61 8.38
N LEU B 208 -20.28 -26.36 7.42
CA LEU B 208 -18.85 -26.43 7.63
C LEU B 208 -18.19 -25.17 7.09
N PHE B 209 -16.94 -24.97 7.48
CA PHE B 209 -16.13 -23.87 6.96
C PHE B 209 -14.67 -24.26 7.11
N VAL B 210 -13.82 -23.69 6.25
CA VAL B 210 -12.39 -23.94 6.31
C VAL B 210 -11.69 -22.62 6.55
N SER B 211 -10.76 -22.60 7.50
CA SER B 211 -10.03 -21.40 7.87
C SER B 211 -8.55 -21.60 7.57
N GLY B 212 -7.95 -20.60 6.95
CA GLY B 212 -6.53 -20.65 6.59
C GLY B 212 -5.75 -19.61 7.36
N ALA B 213 -4.55 -20.00 7.81
CA ALA B 213 -3.73 -19.13 8.64
C ALA B 213 -2.33 -18.94 8.08
N CYS B 214 -1.46 -18.29 8.85
CA CYS B 214 -0.06 -18.12 8.51
C CYS B 214 0.82 -19.25 9.01
N ASP B 215 0.24 -20.42 9.23
CA ASP B 215 0.98 -21.65 9.49
C ASP B 215 1.05 -22.55 8.26
N ALA B 216 0.78 -22.01 7.07
CA ALA B 216 0.86 -22.71 5.79
C ALA B 216 -0.03 -23.94 5.75
N SER B 217 -1.20 -23.84 6.39
CA SER B 217 -2.16 -24.93 6.37
C SER B 217 -3.56 -24.39 6.56
N ALA B 218 -4.54 -25.19 6.16
CA ALA B 218 -5.95 -24.86 6.30
C ALA B 218 -6.67 -26.00 6.98
N LYS B 219 -7.59 -25.67 7.87
CA LYS B 219 -8.30 -26.65 8.67
C LYS B 219 -9.79 -26.59 8.39
N LEU B 220 -10.40 -27.74 8.10
CA LEU B 220 -11.84 -27.83 7.99
C LEU B 220 -12.47 -28.03 9.35
N TRP B 221 -13.58 -27.36 9.58
CA TRP B 221 -14.29 -27.40 10.85
C TRP B 221 -15.73 -27.87 10.65
N ASP B 222 -16.47 -27.95 11.75
CA ASP B 222 -17.92 -27.98 11.74
C ASP B 222 -18.43 -26.91 12.70
N VAL B 223 -19.66 -26.46 12.47
CA VAL B 223 -20.26 -25.48 13.38
C VAL B 223 -21.08 -26.14 14.47
N ARG B 224 -21.24 -27.45 14.43
CA ARG B 224 -22.05 -28.17 15.40
C ARG B 224 -21.20 -28.71 16.55
N GLU B 225 -20.20 -29.54 16.25
CA GLU B 225 -19.39 -30.16 17.28
C GLU B 225 -18.19 -29.30 17.68
N GLY B 226 -17.64 -28.51 16.76
CA GLY B 226 -16.59 -27.59 17.11
C GLY B 226 -15.18 -28.15 17.07
N MET B 227 -14.95 -29.26 16.40
CA MET B 227 -13.63 -29.84 16.26
C MET B 227 -13.17 -29.79 14.82
N CYS B 228 -11.89 -30.04 14.62
CA CYS B 228 -11.33 -30.12 13.27
C CYS B 228 -11.81 -31.39 12.57
N ARG B 229 -11.73 -31.38 11.25
CA ARG B 229 -11.87 -32.60 10.47
C ARG B 229 -10.61 -32.94 9.69
N GLN B 230 -10.13 -32.01 8.87
CA GLN B 230 -8.92 -32.23 8.07
C GLN B 230 -7.86 -31.20 8.44
N THR B 231 -6.63 -31.46 8.01
CA THR B 231 -5.47 -30.66 8.38
C THR B 231 -4.55 -30.42 7.18
N PHE B 232 -5.12 -29.92 6.08
CA PHE B 232 -4.44 -29.81 4.78
C PHE B 232 -3.14 -29.02 4.84
N THR B 233 -2.01 -29.69 4.59
CA THR B 233 -0.70 -29.06 4.57
C THR B 233 -0.10 -29.28 3.19
N GLY B 234 -0.17 -28.26 2.34
CA GLY B 234 0.41 -28.38 1.02
C GLY B 234 1.03 -27.10 0.53
N HIS B 235 1.09 -26.09 1.39
CA HIS B 235 1.61 -24.78 1.03
C HIS B 235 2.97 -24.57 1.67
N GLU B 236 3.51 -23.37 1.44
CA GLU B 236 4.89 -23.08 1.85
C GLU B 236 5.05 -21.65 2.40
N SER B 237 3.97 -20.89 2.50
CA SER B 237 4.00 -19.56 3.10
C SER B 237 2.63 -19.29 3.72
N ASP B 238 2.41 -18.05 4.12
CA ASP B 238 1.19 -17.68 4.83
C ASP B 238 0.00 -17.59 3.89
N ILE B 239 -1.00 -18.44 4.13
CA ILE B 239 -2.23 -18.48 3.34
C ILE B 239 -3.02 -17.20 3.61
N ASN B 240 -3.39 -16.49 2.54
CA ASN B 240 -4.03 -15.20 2.68
C ASN B 240 -5.52 -15.22 2.42
N ALA B 241 -5.98 -16.07 1.51
CA ALA B 241 -7.38 -16.06 1.12
C ALA B 241 -7.85 -17.48 0.86
N ILE B 242 -9.16 -17.68 0.96
CA ILE B 242 -9.76 -18.99 0.80
C ILE B 242 -11.20 -18.80 0.32
N CYS B 243 -11.69 -19.77 -0.45
CA CYS B 243 -13.04 -19.71 -0.99
C CYS B 243 -13.45 -21.11 -1.45
N PHE B 244 -14.66 -21.51 -1.08
CA PHE B 244 -15.18 -22.83 -1.42
C PHE B 244 -15.52 -22.94 -2.90
N PHE B 245 -15.60 -24.18 -3.37
CA PHE B 245 -16.30 -24.46 -4.61
C PHE B 245 -17.80 -24.20 -4.43
N PRO B 246 -18.52 -23.88 -5.49
CA PRO B 246 -19.99 -23.83 -5.40
C PRO B 246 -20.62 -25.17 -5.05
N ASN B 247 -19.97 -26.29 -5.36
CA ASN B 247 -20.51 -27.59 -5.01
C ASN B 247 -20.26 -27.97 -3.56
N GLY B 248 -19.20 -27.44 -2.93
CA GLY B 248 -18.96 -27.70 -1.54
C GLY B 248 -18.08 -28.90 -1.22
N ASN B 249 -17.32 -29.41 -2.18
CA ASN B 249 -16.43 -30.53 -1.94
C ASN B 249 -14.97 -30.21 -2.27
N ALA B 250 -14.66 -28.94 -2.51
CA ALA B 250 -13.29 -28.51 -2.80
C ALA B 250 -13.17 -27.04 -2.43
N PHE B 251 -11.94 -26.60 -2.27
CA PHE B 251 -11.68 -25.20 -1.95
C PHE B 251 -10.27 -24.85 -2.40
N ALA B 252 -10.08 -23.58 -2.74
CA ALA B 252 -8.79 -23.09 -3.22
C ALA B 252 -8.27 -22.02 -2.28
N THR B 253 -7.00 -22.12 -1.94
CA THR B 253 -6.32 -21.16 -1.09
C THR B 253 -5.23 -20.46 -1.90
N GLY B 254 -4.91 -19.24 -1.50
CA GLY B 254 -3.83 -18.52 -2.14
C GLY B 254 -2.95 -17.80 -1.14
N SER B 255 -1.66 -18.12 -1.15
CA SER B 255 -0.72 -17.62 -0.16
C SER B 255 0.21 -16.59 -0.79
N ASP B 256 1.16 -16.11 0.03
CA ASP B 256 2.14 -15.13 -0.42
C ASP B 256 3.34 -15.78 -1.11
N ASP B 257 3.29 -17.08 -1.35
CA ASP B 257 4.32 -17.75 -2.14
C ASP B 257 4.08 -17.66 -3.63
N ALA B 258 3.19 -16.75 -4.06
CA ALA B 258 2.83 -16.50 -5.46
C ALA B 258 2.22 -17.72 -6.13
N THR B 259 1.66 -18.65 -5.36
CA THR B 259 1.03 -19.85 -5.89
C THR B 259 -0.38 -19.97 -5.34
N CYS B 260 -1.28 -20.47 -6.17
CA CYS B 260 -2.65 -20.78 -5.77
C CYS B 260 -2.84 -22.28 -5.89
N ARG B 261 -3.42 -22.88 -4.86
CA ARG B 261 -3.55 -24.33 -4.78
C ARG B 261 -5.00 -24.70 -4.51
N LEU B 262 -5.47 -25.76 -5.13
CA LEU B 262 -6.84 -26.24 -4.98
C LEU B 262 -6.82 -27.57 -4.27
N PHE B 263 -7.55 -27.66 -3.16
CA PHE B 263 -7.59 -28.87 -2.35
C PHE B 263 -8.95 -29.55 -2.51
N ASP B 264 -9.01 -30.81 -2.09
CA ASP B 264 -10.22 -31.61 -2.21
C ASP B 264 -10.52 -32.16 -0.81
N LEU B 265 -11.79 -32.07 -0.44
CA LEU B 265 -12.23 -32.51 0.89
C LEU B 265 -12.23 -34.03 1.02
N ARG B 266 -12.46 -34.74 -0.07
CA ARG B 266 -12.76 -36.16 0.00
C ARG B 266 -11.52 -37.05 -0.07
N ALA B 267 -10.52 -36.67 -0.85
CA ALA B 267 -9.29 -37.45 -0.89
C ALA B 267 -8.21 -36.90 0.04
N ASP B 268 -8.43 -35.70 0.59
CA ASP B 268 -7.54 -35.04 1.55
C ASP B 268 -6.15 -34.85 0.95
N GLN B 269 -6.13 -34.38 -0.30
CA GLN B 269 -4.89 -34.10 -1.01
C GLN B 269 -5.05 -32.81 -1.79
N GLU B 270 -3.92 -32.15 -2.03
CA GLU B 270 -3.90 -31.04 -2.97
C GLU B 270 -4.07 -31.58 -4.38
N LEU B 271 -4.99 -30.99 -5.15
CA LEU B 271 -5.30 -31.51 -6.47
C LEU B 271 -4.42 -30.89 -7.54
N MET B 272 -4.51 -29.58 -7.73
CA MET B 272 -3.80 -28.91 -8.81
C MET B 272 -3.32 -27.55 -8.35
N THR B 273 -2.05 -27.25 -8.63
CA THR B 273 -1.49 -25.93 -8.36
C THR B 273 -1.38 -25.14 -9.65
N TYR B 274 -1.39 -23.82 -9.51
CA TYR B 274 -1.23 -22.89 -10.62
C TYR B 274 -0.01 -22.03 -10.37
N SER B 275 0.90 -22.00 -11.33
CA SER B 275 2.14 -21.26 -11.15
C SER B 275 2.70 -20.86 -12.50
N HIS B 276 3.40 -19.72 -12.50
CA HIS B 276 4.16 -19.27 -13.65
C HIS B 276 5.52 -18.78 -13.16
N ASP B 277 6.51 -18.86 -14.04
CA ASP B 277 7.85 -18.40 -13.67
C ASP B 277 7.88 -16.88 -13.50
N ASN B 278 7.14 -16.15 -14.32
CA ASN B 278 7.10 -14.70 -14.23
C ASN B 278 6.27 -14.21 -13.06
N ILE B 279 5.41 -15.08 -12.51
CA ILE B 279 4.61 -14.71 -11.35
C ILE B 279 5.54 -14.62 -10.13
N ILE B 280 5.58 -13.44 -9.51
CA ILE B 280 6.63 -13.14 -8.54
C ILE B 280 6.01 -12.56 -7.27
N CYS B 281 4.72 -12.28 -7.31
CA CYS B 281 4.04 -11.63 -6.20
C CYS B 281 2.86 -12.46 -5.74
N GLY B 282 2.53 -12.34 -4.46
CA GLY B 282 1.60 -13.24 -3.81
C GLY B 282 0.13 -13.08 -4.16
N ILE B 283 -0.73 -13.65 -3.32
CA ILE B 283 -2.16 -13.72 -3.56
C ILE B 283 -2.84 -12.99 -2.40
N THR B 284 -3.78 -12.11 -2.72
CA THR B 284 -4.55 -11.39 -1.71
C THR B 284 -5.98 -11.88 -1.58
N SER B 285 -6.65 -12.18 -2.69
CA SER B 285 -8.04 -12.59 -2.66
C SER B 285 -8.29 -13.64 -3.72
N VAL B 286 -9.19 -14.57 -3.41
CA VAL B 286 -9.55 -15.67 -4.31
C VAL B 286 -11.06 -15.86 -4.27
N SER B 287 -11.68 -15.93 -5.45
CA SER B 287 -13.10 -16.22 -5.56
C SER B 287 -13.34 -17.00 -6.85
N PHE B 288 -14.46 -17.71 -6.88
CA PHE B 288 -14.83 -18.56 -8.01
C PHE B 288 -15.98 -17.96 -8.80
N SER B 289 -16.46 -18.72 -9.77
CA SER B 289 -17.63 -18.36 -10.57
C SER B 289 -18.79 -19.28 -10.19
N LYS B 290 -19.90 -19.13 -10.91
CA LYS B 290 -21.09 -19.92 -10.62
C LYS B 290 -20.89 -21.38 -11.00
N SER B 291 -20.25 -21.63 -12.13
CA SER B 291 -19.97 -23.00 -12.54
C SER B 291 -18.78 -23.59 -11.81
N GLY B 292 -17.97 -22.76 -11.17
CA GLY B 292 -16.75 -23.22 -10.55
C GLY B 292 -15.60 -23.43 -11.50
N ARG B 293 -15.82 -23.20 -12.80
CA ARG B 293 -14.76 -23.40 -13.79
C ARG B 293 -13.74 -22.28 -13.72
N LEU B 294 -14.17 -21.05 -13.61
CA LEU B 294 -13.27 -19.91 -13.72
C LEU B 294 -13.05 -19.33 -12.33
N LEU B 295 -11.89 -19.57 -11.74
CA LEU B 295 -11.56 -18.95 -10.47
C LEU B 295 -10.67 -17.74 -10.71
N LEU B 296 -10.85 -16.73 -9.87
CA LEU B 296 -10.16 -15.45 -10.01
C LEU B 296 -9.31 -15.22 -8.78
N ALA B 297 -8.06 -14.83 -9.00
CA ALA B 297 -7.10 -14.62 -7.93
C ALA B 297 -6.67 -13.16 -7.95
N GLY B 298 -7.10 -12.41 -6.93
CA GLY B 298 -6.61 -11.07 -6.73
C GLY B 298 -5.15 -11.10 -6.35
N TYR B 299 -4.29 -10.63 -7.25
CA TYR B 299 -2.87 -10.84 -7.09
C TYR B 299 -2.26 -9.70 -6.29
N ASP B 300 -0.93 -9.68 -6.21
CA ASP B 300 -0.18 -8.69 -5.46
C ASP B 300 0.58 -7.72 -6.34
N ASP B 301 0.82 -8.07 -7.60
CA ASP B 301 1.57 -7.24 -8.55
C ASP B 301 0.66 -6.29 -9.35
N PHE B 302 -0.10 -5.54 -8.55
CA PHE B 302 -0.84 -4.34 -8.94
C PHE B 302 -2.01 -4.67 -9.87
N ASN B 303 -2.39 -5.94 -9.98
CA ASN B 303 -3.43 -6.38 -10.89
C ASN B 303 -3.98 -7.72 -10.38
N CYS B 304 -4.80 -8.37 -11.21
CA CYS B 304 -5.43 -9.63 -10.82
C CYS B 304 -5.68 -10.48 -12.05
N ASN B 305 -5.84 -11.79 -11.81
CA ASN B 305 -5.72 -12.80 -12.86
C ASN B 305 -6.91 -13.74 -12.87
N VAL B 306 -6.99 -14.54 -13.94
CA VAL B 306 -8.03 -15.55 -14.13
C VAL B 306 -7.34 -16.90 -14.33
N TRP B 307 -7.85 -17.93 -13.65
CA TRP B 307 -7.34 -19.29 -13.81
C TRP B 307 -8.48 -20.21 -14.22
N ASP B 308 -8.10 -21.39 -14.74
CA ASP B 308 -9.06 -22.25 -15.42
C ASP B 308 -9.49 -23.42 -14.54
N ALA B 309 -8.73 -23.71 -13.48
CA ALA B 309 -9.10 -24.57 -12.34
C ALA B 309 -9.33 -26.03 -12.70
N LEU B 310 -9.24 -26.43 -13.96
CA LEU B 310 -9.19 -27.83 -14.35
C LEU B 310 -7.81 -28.19 -14.89
N LYS B 311 -7.31 -27.46 -15.87
CA LYS B 311 -5.90 -27.45 -16.18
C LYS B 311 -5.34 -26.08 -15.83
N ALA B 312 -4.08 -26.07 -15.38
CA ALA B 312 -3.45 -24.85 -14.88
C ALA B 312 -3.00 -24.00 -16.06
N ASP B 313 -3.93 -23.23 -16.59
CA ASP B 313 -3.67 -22.33 -17.70
C ASP B 313 -4.26 -20.96 -17.40
N ARG B 314 -3.48 -19.92 -17.67
CA ARG B 314 -3.95 -18.55 -17.49
C ARG B 314 -4.89 -18.21 -18.63
N ALA B 315 -6.17 -18.06 -18.33
CA ALA B 315 -7.18 -17.79 -19.34
C ALA B 315 -7.50 -16.31 -19.50
N GLY B 316 -6.89 -15.44 -18.71
CA GLY B 316 -7.19 -14.02 -18.83
C GLY B 316 -6.47 -13.22 -17.77
N VAL B 317 -6.66 -11.91 -17.86
CA VAL B 317 -6.05 -10.97 -16.90
C VAL B 317 -6.90 -9.70 -16.90
N LEU B 318 -7.09 -9.14 -15.72
CA LEU B 318 -7.79 -7.88 -15.53
C LEU B 318 -6.85 -6.88 -14.87
N ALA B 319 -6.61 -5.76 -15.54
CA ALA B 319 -5.64 -4.77 -15.07
C ALA B 319 -6.29 -3.39 -15.10
N GLY B 320 -6.71 -2.91 -13.95
CA GLY B 320 -7.32 -1.59 -13.89
C GLY B 320 -7.04 -0.81 -12.62
N HIS B 321 -6.00 -1.19 -11.87
CA HIS B 321 -5.75 -0.59 -10.57
C HIS B 321 -4.38 0.04 -10.51
N ASP B 322 -4.31 1.20 -9.86
CA ASP B 322 -3.05 1.88 -9.58
C ASP B 322 -2.38 1.36 -8.33
N ASN B 323 -2.99 0.39 -7.64
CA ASN B 323 -2.45 -0.09 -6.39
C ASN B 323 -2.80 -1.57 -6.26
N ARG B 324 -2.77 -2.08 -5.02
CA ARG B 324 -3.15 -3.43 -4.64
C ARG B 324 -4.52 -3.88 -5.15
N VAL B 325 -4.73 -5.18 -5.20
CA VAL B 325 -6.08 -5.73 -5.31
C VAL B 325 -6.36 -6.43 -3.98
N SER B 326 -6.93 -5.69 -3.04
CA SER B 326 -7.02 -6.17 -1.67
C SER B 326 -8.09 -7.24 -1.51
N CYS B 327 -9.22 -7.10 -2.20
CA CYS B 327 -10.31 -8.04 -2.07
C CYS B 327 -11.07 -8.15 -3.39
N LEU B 328 -11.77 -9.26 -3.55
CA LEU B 328 -12.45 -9.56 -4.80
C LEU B 328 -13.60 -10.51 -4.53
N GLY B 329 -14.76 -10.24 -5.11
CA GLY B 329 -15.92 -11.07 -4.89
C GLY B 329 -16.72 -11.24 -6.16
N VAL B 330 -17.51 -12.31 -6.18
CA VAL B 330 -18.35 -12.66 -7.31
C VAL B 330 -19.77 -12.90 -6.79
N THR B 331 -20.75 -12.37 -7.49
CA THR B 331 -22.15 -12.45 -7.08
C THR B 331 -22.65 -13.89 -7.06
N ASP B 332 -23.76 -14.09 -6.36
CA ASP B 332 -24.37 -15.41 -6.30
C ASP B 332 -25.01 -15.81 -7.61
N ASP B 333 -25.37 -14.84 -8.46
CA ASP B 333 -25.98 -15.14 -9.74
C ASP B 333 -24.93 -15.24 -10.83
N GLY B 334 -23.82 -14.52 -10.69
CA GLY B 334 -22.68 -14.67 -11.57
C GLY B 334 -22.54 -13.65 -12.68
N MET B 335 -23.34 -12.58 -12.67
CA MET B 335 -23.29 -11.59 -13.73
C MET B 335 -22.37 -10.42 -13.45
N ALA B 336 -21.60 -10.48 -12.36
CA ALA B 336 -20.67 -9.39 -12.08
C ALA B 336 -19.50 -9.92 -11.28
N VAL B 337 -18.34 -9.29 -11.50
CA VAL B 337 -17.13 -9.53 -10.71
C VAL B 337 -16.72 -8.22 -10.09
N ALA B 338 -16.58 -8.20 -8.78
CA ALA B 338 -16.27 -6.99 -8.05
C ALA B 338 -14.86 -7.07 -7.49
N THR B 339 -14.18 -5.94 -7.49
CA THR B 339 -12.82 -5.90 -6.99
C THR B 339 -12.63 -4.69 -6.08
N GLY B 340 -11.81 -4.90 -5.05
CA GLY B 340 -11.41 -3.81 -4.18
C GLY B 340 -9.94 -3.53 -4.39
N SER B 341 -9.53 -2.32 -4.01
CA SER B 341 -8.18 -1.91 -4.29
C SER B 341 -7.73 -0.89 -3.26
N TRP B 342 -6.42 -0.70 -3.18
CA TRP B 342 -5.86 0.29 -2.29
C TRP B 342 -5.83 1.68 -2.89
N ASP B 343 -6.27 1.86 -4.13
CA ASP B 343 -6.41 3.21 -4.67
C ASP B 343 -7.83 3.76 -4.52
N SER B 344 -8.56 3.31 -3.49
CA SER B 344 -9.91 3.72 -3.09
C SER B 344 -10.94 3.60 -4.21
N PHE B 345 -10.78 2.65 -5.13
CA PHE B 345 -11.68 2.52 -6.26
C PHE B 345 -12.20 1.10 -6.34
N LEU B 346 -13.52 0.95 -6.39
CA LEU B 346 -14.12 -0.33 -6.71
C LEU B 346 -14.45 -0.37 -8.19
N LYS B 347 -14.31 -1.54 -8.79
CA LYS B 347 -14.65 -1.73 -10.19
C LYS B 347 -15.52 -2.96 -10.33
N ILE B 348 -16.45 -2.91 -11.28
CA ILE B 348 -17.32 -4.03 -11.59
C ILE B 348 -16.96 -4.50 -13.00
N TRP B 349 -16.62 -5.78 -13.12
CA TRP B 349 -16.29 -6.39 -14.40
C TRP B 349 -17.40 -7.33 -14.83
N ASN B 350 -17.64 -7.39 -16.13
CA ASN B 350 -18.64 -8.29 -16.69
C ASN B 350 -18.26 -8.71 -18.10
N LYS C 8 -47.80 2.25 -13.77
CA LYS C 8 -46.91 1.98 -12.66
C LYS C 8 -45.55 2.62 -12.84
N THR C 9 -45.48 3.55 -13.80
CA THR C 9 -44.23 4.26 -14.06
C THR C 9 -43.89 5.22 -12.94
N GLU C 10 -44.91 5.79 -12.28
CA GLU C 10 -44.67 6.76 -11.22
C GLU C 10 -44.01 6.13 -10.01
N ASP C 11 -44.31 4.86 -9.73
CA ASP C 11 -43.76 4.18 -8.55
C ASP C 11 -42.24 4.03 -8.65
N GLN C 12 -41.75 3.45 -9.75
CA GLN C 12 -40.30 3.35 -9.86
C GLN C 12 -39.67 4.68 -10.23
N ARG C 13 -40.43 5.60 -10.83
CA ARG C 13 -39.90 6.94 -11.09
C ARG C 13 -39.57 7.67 -9.80
N ASN C 14 -40.51 7.72 -8.86
CA ASN C 14 -40.19 8.33 -7.58
C ASN C 14 -39.31 7.45 -6.70
N GLU C 15 -39.21 6.15 -7.00
CA GLU C 15 -38.20 5.33 -6.33
C GLU C 15 -36.79 5.77 -6.69
N GLU C 16 -36.49 5.92 -8.00
CA GLU C 16 -35.19 6.44 -8.37
C GLU C 16 -35.02 7.91 -8.00
N LYS C 17 -36.11 8.67 -7.91
CA LYS C 17 -36.01 10.05 -7.43
C LYS C 17 -35.56 10.09 -5.96
N ALA C 18 -36.16 9.24 -5.13
CA ALA C 18 -35.74 9.16 -3.73
C ALA C 18 -34.33 8.59 -3.61
N GLN C 19 -33.97 7.66 -4.49
CA GLN C 19 -32.61 7.11 -4.49
C GLN C 19 -31.59 8.18 -4.85
N ARG C 20 -31.91 9.05 -5.81
CA ARG C 20 -31.03 10.15 -6.16
C ARG C 20 -30.94 11.16 -5.02
N GLU C 21 -32.04 11.41 -4.32
CA GLU C 21 -32.01 12.30 -3.17
C GLU C 21 -31.12 11.75 -2.05
N ALA C 22 -31.23 10.44 -1.81
CA ALA C 22 -30.37 9.79 -0.82
C ALA C 22 -28.92 9.84 -1.25
N ASN C 23 -28.66 9.67 -2.54
CA ASN C 23 -27.30 9.82 -3.08
C ASN C 23 -26.76 11.22 -2.85
N LYS C 24 -27.59 12.24 -3.06
CA LYS C 24 -27.16 13.62 -2.86
C LYS C 24 -26.82 13.87 -1.39
N LYS C 25 -27.67 13.38 -0.48
CA LYS C 25 -27.39 13.57 0.95
C LYS C 25 -26.13 12.83 1.38
N ILE C 26 -25.94 11.59 0.90
CA ILE C 26 -24.78 10.80 1.28
C ILE C 26 -23.51 11.40 0.72
N GLU C 27 -23.56 11.90 -0.53
CA GLU C 27 -22.39 12.54 -1.13
C GLU C 27 -22.05 13.86 -0.45
N LYS C 28 -23.08 14.59 0.01
CA LYS C 28 -22.83 15.81 0.78
C LYS C 28 -22.12 15.49 2.08
N GLN C 29 -22.56 14.44 2.78
CA GLN C 29 -21.90 14.04 4.02
C GLN C 29 -20.48 13.55 3.77
N LEU C 30 -20.28 12.81 2.68
CA LEU C 30 -18.94 12.31 2.35
C LEU C 30 -17.99 13.44 2.01
N GLN C 31 -18.46 14.45 1.26
CA GLN C 31 -17.64 15.61 0.98
C GLN C 31 -17.37 16.43 2.24
N LYS C 32 -18.32 16.43 3.17
CA LYS C 32 -18.10 17.09 4.45
C LYS C 32 -16.98 16.40 5.24
N ASP C 33 -16.95 15.07 5.22
CA ASP C 33 -15.94 14.36 6.00
C ASP C 33 -14.62 14.17 5.26
N LYS C 34 -14.59 14.42 3.95
CA LYS C 34 -13.34 14.30 3.19
C LYS C 34 -12.31 15.32 3.65
N GLN C 35 -12.74 16.57 3.89
CA GLN C 35 -11.84 17.58 4.41
C GLN C 35 -11.39 17.25 5.82
N VAL C 36 -12.24 16.60 6.60
CA VAL C 36 -11.86 16.19 7.96
C VAL C 36 -10.79 15.11 7.90
N TYR C 37 -10.91 14.17 6.95
CA TYR C 37 -9.92 13.12 6.83
C TYR C 37 -8.59 13.68 6.31
N ARG C 38 -8.64 14.49 5.26
CA ARG C 38 -7.41 14.99 4.66
C ARG C 38 -6.77 16.11 5.46
N ALA C 39 -7.50 16.72 6.38
CA ALA C 39 -6.93 17.77 7.22
C ALA C 39 -6.13 17.20 8.38
N THR C 40 -6.23 15.91 8.65
CA THR C 40 -5.49 15.29 9.74
C THR C 40 -4.32 14.49 9.18
N HIS C 41 -3.35 14.23 10.06
CA HIS C 41 -2.18 13.44 9.73
C HIS C 41 -2.08 12.29 10.73
N ARG C 42 -1.79 11.10 10.22
CA ARG C 42 -1.84 9.89 11.01
C ARG C 42 -0.42 9.42 11.35
N LEU C 43 -0.22 9.10 12.62
CA LEU C 43 1.06 8.61 13.11
C LEU C 43 0.86 7.29 13.82
N LEU C 44 1.80 6.38 13.64
CA LEU C 44 1.82 5.09 14.33
C LEU C 44 2.96 5.08 15.33
N LEU C 45 2.66 4.66 16.56
CA LEU C 45 3.66 4.57 17.61
C LEU C 45 4.05 3.11 17.81
N LEU C 46 5.36 2.85 17.77
CA LEU C 46 5.88 1.50 17.83
C LEU C 46 7.00 1.42 18.85
N GLY C 47 7.21 0.21 19.36
CA GLY C 47 8.25 -0.03 20.33
C GLY C 47 9.43 -0.80 19.76
N SER C 51 9.82 -0.21 26.23
CA SER C 51 10.73 0.65 25.50
C SER C 51 10.48 2.13 25.82
N GLY C 52 9.78 2.38 26.92
CA GLY C 52 9.49 3.73 27.34
C GLY C 52 8.38 4.42 26.57
N LYS C 53 7.52 3.68 25.89
CA LYS C 53 6.43 4.31 25.15
C LYS C 53 5.37 4.89 26.08
N ASN C 54 5.20 4.28 27.26
CA ASN C 54 4.22 4.80 28.23
C ASN C 54 4.64 6.18 28.74
N THR C 55 5.93 6.38 28.98
CA THR C 55 6.41 7.67 29.48
C THR C 55 6.23 8.77 28.42
N ILE C 56 6.57 8.47 27.17
CA ILE C 56 6.43 9.51 26.15
C ILE C 56 4.96 9.77 25.82
N VAL C 57 4.09 8.75 25.89
CA VAL C 57 2.68 9.02 25.63
C VAL C 57 2.04 9.74 26.82
N LYS C 58 2.59 9.54 28.02
CA LYS C 58 2.14 10.34 29.16
C LYS C 58 2.59 11.79 29.04
N GLN C 59 3.80 12.01 28.51
CA GLN C 59 4.24 13.37 28.20
C GLN C 59 3.36 14.00 27.13
N MET C 60 2.93 13.20 26.15
CA MET C 60 2.00 13.67 25.14
C MET C 60 0.66 14.06 25.75
N ARG C 61 0.15 13.24 26.67
CA ARG C 61 -1.13 13.53 27.31
C ARG C 61 -1.04 14.76 28.22
N ILE C 62 0.11 14.96 28.86
CA ILE C 62 0.32 16.15 29.68
C ILE C 62 0.42 17.38 28.80
N LEU C 63 1.06 17.26 27.63
CA LEU C 63 1.19 18.39 26.73
C LEU C 63 -0.15 18.74 26.08
N HIS C 64 -0.96 17.73 25.76
CA HIS C 64 -2.26 17.96 25.13
C HIS C 64 -3.27 18.45 26.14
N THR C 204 -9.38 -3.88 27.64
CA THR C 204 -8.21 -4.11 26.79
C THR C 204 -8.55 -3.89 25.32
N SER C 205 -8.68 -2.63 24.94
CA SER C 205 -8.95 -2.28 23.55
C SER C 205 -7.74 -2.56 22.68
N GLY C 206 -7.99 -2.86 21.40
CA GLY C 206 -6.90 -3.17 20.50
C GLY C 206 -6.12 -1.94 20.04
N ILE C 207 -6.81 -0.80 19.96
CA ILE C 207 -6.20 0.44 19.48
C ILE C 207 -6.55 1.55 20.44
N PHE C 208 -5.53 2.28 20.88
CA PHE C 208 -5.73 3.40 21.80
C PHE C 208 -5.78 4.72 21.02
N GLU C 209 -6.54 5.66 21.55
CA GLU C 209 -6.86 6.90 20.85
C GLU C 209 -6.23 8.09 21.56
N THR C 210 -5.39 8.84 20.84
CA THR C 210 -4.89 10.12 21.31
C THR C 210 -5.16 11.18 20.25
N LYS C 211 -5.33 12.43 20.69
CA LYS C 211 -5.55 13.55 19.81
C LYS C 211 -4.59 14.68 20.14
N PHE C 212 -4.02 15.30 19.10
CA PHE C 212 -3.17 16.48 19.23
C PHE C 212 -3.85 17.67 18.57
N GLN C 213 -3.53 18.87 19.06
CA GLN C 213 -4.01 20.10 18.45
C GLN C 213 -2.91 21.14 18.41
N VAL C 214 -1.70 20.74 18.02
CA VAL C 214 -0.57 21.66 18.02
C VAL C 214 -0.64 22.57 16.80
N ASP C 215 -0.60 23.89 17.06
CA ASP C 215 -0.52 24.94 16.03
C ASP C 215 -1.66 24.87 15.04
N LYS C 216 -2.86 24.56 15.54
CA LYS C 216 -4.09 24.42 14.75
C LYS C 216 -3.97 23.35 13.66
N VAL C 217 -3.13 22.34 13.90
CA VAL C 217 -3.08 21.14 13.07
C VAL C 217 -3.39 19.96 13.96
N ASN C 218 -4.33 19.12 13.52
CA ASN C 218 -4.76 17.96 14.30
C ASN C 218 -4.05 16.69 13.85
N PHE C 219 -3.51 15.94 14.81
CA PHE C 219 -2.74 14.75 14.55
C PHE C 219 -3.42 13.52 15.12
N HIS C 220 -3.44 12.45 14.35
CA HIS C 220 -3.83 11.12 14.82
C HIS C 220 -2.58 10.36 15.25
N MET C 221 -2.62 9.78 16.44
CA MET C 221 -1.55 8.92 16.92
C MET C 221 -2.15 7.64 17.45
N PHE C 222 -1.78 6.53 16.83
CA PHE C 222 -2.34 5.21 17.13
C PHE C 222 -1.25 4.33 17.74
N ASP C 223 -1.50 3.83 18.94
CA ASP C 223 -0.56 2.98 19.66
C ASP C 223 -1.26 1.64 19.82
N VAL C 224 -0.56 0.56 19.51
CA VAL C 224 -1.18 -0.75 19.43
C VAL C 224 -1.06 -1.46 20.77
N GLY C 225 -2.02 -2.33 21.03
CA GLY C 225 -2.05 -3.06 22.28
C GLY C 225 -3.00 -4.23 22.17
N ALA C 226 -2.81 -5.20 23.07
CA ALA C 226 -3.56 -6.47 23.10
C ALA C 226 -3.45 -7.19 21.75
N GLN C 227 -2.26 -7.13 21.15
CA GLN C 227 -1.96 -7.83 19.91
C GLN C 227 -0.69 -8.64 20.08
N ARG C 228 -0.61 -9.74 19.34
CA ARG C 228 0.54 -10.62 19.43
C ARG C 228 1.76 -9.99 18.79
N ASP C 229 2.93 -10.56 19.08
CA ASP C 229 4.18 -10.03 18.54
C ASP C 229 4.35 -10.33 17.05
N GLU C 230 3.53 -11.21 16.48
CA GLU C 230 3.57 -11.48 15.05
C GLU C 230 2.95 -10.29 14.32
N ARG C 231 3.75 -9.27 14.11
CA ARG C 231 3.29 -7.99 13.57
C ARG C 231 3.47 -7.88 12.07
N ARG C 232 3.67 -9.00 11.39
CA ARG C 232 4.01 -8.95 9.97
C ARG C 232 2.82 -8.51 9.13
N LYS C 233 1.61 -8.91 9.50
CA LYS C 233 0.51 -8.73 8.58
C LYS C 233 -0.48 -7.64 9.00
N TRP C 234 -0.50 -7.23 10.27
CA TRP C 234 -1.33 -6.07 10.60
C TRP C 234 -0.61 -4.75 10.40
N ILE C 235 0.69 -4.75 10.15
CA ILE C 235 1.40 -3.49 9.94
C ILE C 235 1.25 -3.02 8.50
N GLN C 236 0.73 -3.87 7.62
CA GLN C 236 0.45 -3.46 6.25
C GLN C 236 -0.68 -2.45 6.16
N CYS C 237 -1.51 -2.36 7.20
CA CYS C 237 -2.53 -1.32 7.25
C CYS C 237 -1.89 0.06 7.35
N PHE C 238 -0.83 0.17 8.13
CA PHE C 238 -0.19 1.47 8.40
C PHE C 238 0.88 1.75 7.34
N ASN C 239 0.40 1.97 6.10
CA ASN C 239 1.27 2.45 5.05
C ASN C 239 0.93 3.86 4.59
N ASP C 240 -0.32 4.30 4.77
CA ASP C 240 -0.73 5.65 4.42
C ASP C 240 -0.46 6.64 5.54
N VAL C 241 0.05 6.19 6.67
CA VAL C 241 0.41 7.10 7.74
C VAL C 241 1.62 7.93 7.31
N THR C 242 1.68 9.16 7.81
CA THR C 242 2.75 10.07 7.40
C THR C 242 4.09 9.63 7.95
N ALA C 243 4.13 9.13 9.18
CA ALA C 243 5.36 8.69 9.78
C ALA C 243 5.06 7.64 10.85
N ILE C 244 5.98 6.70 11.00
CA ILE C 244 5.89 5.66 12.02
C ILE C 244 6.89 6.01 13.11
N ILE C 245 6.39 6.40 14.28
CA ILE C 245 7.27 6.77 15.38
C ILE C 245 7.85 5.49 15.99
N PHE C 246 9.17 5.42 16.03
CA PHE C 246 9.89 4.24 16.51
C PHE C 246 10.65 4.63 17.76
N VAL C 247 10.15 4.18 18.91
CA VAL C 247 10.79 4.42 20.20
C VAL C 247 11.64 3.22 20.54
N VAL C 248 12.93 3.46 20.82
CA VAL C 248 13.90 2.40 21.05
C VAL C 248 14.52 2.61 22.42
N ALA C 249 14.47 1.58 23.26
CA ALA C 249 15.13 1.62 24.55
C ALA C 249 16.64 1.48 24.34
N SER C 250 17.35 2.61 24.29
CA SER C 250 18.75 2.64 23.91
C SER C 250 19.70 2.38 25.05
N SER C 251 19.26 1.71 26.11
CA SER C 251 20.13 1.39 27.24
C SER C 251 20.29 -0.10 27.48
N SER C 252 19.31 -0.92 27.08
CA SER C 252 19.36 -2.36 27.31
C SER C 252 20.19 -3.01 26.22
N TYR C 253 21.49 -3.12 26.45
CA TYR C 253 22.38 -3.79 25.51
C TYR C 253 23.18 -4.90 26.18
N GLN C 262 15.11 -11.66 25.68
CA GLN C 262 16.19 -11.32 24.77
C GLN C 262 17.41 -10.79 25.53
N THR C 263 18.59 -11.31 25.19
CA THR C 263 19.81 -10.86 25.84
C THR C 263 20.16 -9.43 25.42
N ASN C 264 19.95 -9.11 24.14
CA ASN C 264 20.20 -7.78 23.62
C ASN C 264 18.89 -7.20 23.10
N ARG C 265 18.52 -6.02 23.59
CA ARG C 265 17.34 -5.35 23.07
C ARG C 265 17.68 -4.46 21.88
N LEU C 266 18.94 -4.02 21.80
CA LEU C 266 19.34 -3.14 20.72
C LEU C 266 19.32 -3.85 19.38
N GLN C 267 19.76 -5.11 19.33
CA GLN C 267 19.73 -5.85 18.07
C GLN C 267 18.31 -6.12 17.62
N ALA C 268 17.42 -6.38 18.57
CA ALA C 268 16.00 -6.54 18.26
C ALA C 268 15.41 -5.26 17.70
N ALA C 269 15.80 -4.12 18.27
CA ALA C 269 15.37 -2.84 17.73
C ALA C 269 15.93 -2.62 16.33
N LEU C 270 17.19 -3.01 16.10
CA LEU C 270 17.80 -2.83 14.79
C LEU C 270 17.09 -3.65 13.72
N LYS C 271 16.75 -4.91 14.00
CA LYS C 271 16.01 -5.60 12.94
C LYS C 271 14.53 -5.30 12.90
N LEU C 272 13.94 -4.75 13.96
CA LEU C 272 12.59 -4.21 13.77
C LEU C 272 12.63 -3.03 12.80
N PHE C 273 13.65 -2.17 12.94
CA PHE C 273 13.86 -1.09 11.98
C PHE C 273 14.15 -1.65 10.59
N ASP C 274 14.95 -2.72 10.51
CA ASP C 274 15.27 -3.34 9.23
C ASP C 274 14.04 -3.88 8.53
N SER C 275 13.17 -4.55 9.27
CA SER C 275 11.94 -5.08 8.69
C SER C 275 10.97 -3.98 8.30
N ILE C 276 10.93 -2.87 9.05
CA ILE C 276 10.09 -1.75 8.63
C ILE C 276 10.65 -1.12 7.36
N TRP C 277 11.96 -0.94 7.30
CA TRP C 277 12.60 -0.26 6.17
C TRP C 277 12.49 -1.07 4.88
N ASN C 278 12.78 -2.37 4.94
CA ASN C 278 12.89 -3.17 3.74
C ASN C 278 11.58 -3.83 3.33
N ASN C 279 10.49 -3.53 4.02
CA ASN C 279 9.20 -4.09 3.64
C ASN C 279 8.70 -3.44 2.36
N LYS C 280 7.91 -4.18 1.60
CA LYS C 280 7.50 -3.74 0.27
C LYS C 280 6.28 -2.85 0.28
N TRP C 281 5.69 -2.57 1.44
CA TRP C 281 4.58 -1.65 1.54
C TRP C 281 4.85 -0.44 2.42
N LEU C 282 5.95 -0.44 3.16
CA LEU C 282 6.32 0.69 4.00
C LEU C 282 7.40 1.55 3.35
N ARG C 283 7.65 1.38 2.06
CA ARG C 283 8.67 2.18 1.39
C ARG C 283 8.22 3.62 1.23
N ASP C 284 6.93 3.85 0.99
CA ASP C 284 6.42 5.21 0.92
C ASP C 284 6.47 5.90 2.27
N THR C 285 6.07 5.20 3.33
CA THR C 285 6.03 5.79 4.65
C THR C 285 7.44 5.88 5.23
N SER C 286 7.60 6.81 6.16
CA SER C 286 8.89 7.07 6.79
C SER C 286 8.80 6.81 8.28
N VAL C 287 9.94 6.93 8.93
CA VAL C 287 10.06 6.61 10.35
C VAL C 287 10.70 7.78 11.07
N ILE C 288 10.17 8.08 12.26
CA ILE C 288 10.78 9.01 13.18
C ILE C 288 11.35 8.18 14.32
N LEU C 289 12.64 8.31 14.55
CA LEU C 289 13.36 7.46 15.49
C LEU C 289 13.60 8.24 16.77
N PHE C 290 13.31 7.61 17.91
CA PHE C 290 13.55 8.18 19.23
C PHE C 290 14.51 7.26 19.97
N LEU C 291 15.58 7.85 20.50
CA LEU C 291 16.53 7.10 21.33
C LEU C 291 16.20 7.41 22.79
N ASN C 292 15.15 6.77 23.29
CA ASN C 292 14.63 7.05 24.61
C ASN C 292 15.54 6.37 25.63
N LYS C 293 15.43 6.81 26.88
CA LYS C 293 16.18 6.28 28.03
C LYS C 293 17.69 6.42 27.83
N GLN C 294 18.12 7.63 27.53
CA GLN C 294 19.54 7.93 27.49
C GLN C 294 20.07 8.44 28.83
N ASP C 295 19.20 8.67 29.82
CA ASP C 295 19.68 9.05 31.14
C ASP C 295 20.33 7.87 31.85
N LEU C 296 19.71 6.69 31.77
CA LEU C 296 20.32 5.48 32.31
C LEU C 296 21.49 5.01 31.46
N LEU C 297 21.52 5.41 30.18
CA LEU C 297 22.67 5.13 29.32
C LEU C 297 23.93 5.81 29.87
N ALA C 298 23.78 7.05 30.38
CA ALA C 298 24.92 7.76 30.95
C ALA C 298 25.45 7.06 32.20
N GLU C 299 24.55 6.59 33.06
CA GLU C 299 24.98 5.87 34.26
C GLU C 299 25.62 4.53 33.90
N LYS C 300 25.10 3.84 32.89
CA LYS C 300 25.68 2.58 32.46
C LYS C 300 27.05 2.78 31.84
N VAL C 301 27.24 3.87 31.09
CA VAL C 301 28.55 4.18 30.53
C VAL C 301 29.52 4.54 31.65
N LEU C 302 29.07 5.32 32.64
CA LEU C 302 29.93 5.72 33.75
C LEU C 302 30.32 4.53 34.61
N ALA C 303 29.44 3.54 34.76
CA ALA C 303 29.77 2.35 35.53
C ALA C 303 30.87 1.53 34.87
N GLY C 304 30.71 1.23 33.58
CA GLY C 304 31.71 0.50 32.83
C GLY C 304 31.72 -1.00 33.05
N LYS C 305 30.83 -1.54 33.88
CA LYS C 305 30.78 -2.98 34.12
C LYS C 305 29.91 -3.72 33.11
N SER C 306 29.08 -3.00 32.35
CA SER C 306 28.20 -3.56 31.33
C SER C 306 28.42 -2.84 30.01
N LYS C 307 29.69 -2.74 29.60
CA LYS C 307 30.09 -1.89 28.49
C LYS C 307 29.55 -2.43 27.16
N ILE C 308 29.37 -1.50 26.22
CA ILE C 308 28.92 -1.85 24.88
C ILE C 308 30.05 -2.52 24.10
N GLU C 309 31.30 -2.36 24.56
CA GLU C 309 32.45 -2.92 23.87
C GLU C 309 32.40 -4.45 23.84
N ASP C 310 31.97 -5.07 24.94
CA ASP C 310 31.90 -6.52 24.97
C ASP C 310 30.69 -7.08 24.21
N TYR C 311 29.77 -6.23 23.78
CA TYR C 311 28.64 -6.68 22.97
C TYR C 311 28.66 -6.02 21.59
N PHE C 312 29.72 -5.29 21.26
CA PHE C 312 29.85 -4.70 19.93
C PHE C 312 31.32 -4.55 19.57
N PRO C 313 31.80 -5.29 18.57
CA PRO C 313 33.22 -5.16 18.19
C PRO C 313 33.52 -3.91 17.38
N GLU C 314 32.52 -3.26 16.80
CA GLU C 314 32.73 -2.04 16.04
C GLU C 314 33.01 -0.85 16.93
N PHE C 315 32.70 -0.93 18.22
CA PHE C 315 32.88 0.19 19.13
C PHE C 315 34.35 0.49 19.41
N ALA C 316 35.23 -0.50 19.25
CA ALA C 316 36.65 -0.27 19.49
C ALA C 316 37.24 0.68 18.46
N ARG C 317 36.84 0.55 17.20
CA ARG C 317 37.42 1.34 16.12
C ARG C 317 36.52 2.50 15.68
N TYR C 318 35.42 2.74 16.39
CA TYR C 318 34.55 3.84 16.02
C TYR C 318 35.14 5.18 16.45
N THR C 319 34.92 6.20 15.62
CA THR C 319 35.39 7.55 15.89
C THR C 319 34.20 8.49 15.98
N THR C 320 34.36 9.54 16.76
CA THR C 320 33.28 10.49 16.99
C THR C 320 33.03 11.32 15.74
N PRO C 321 31.77 11.51 15.33
CA PRO C 321 31.49 12.39 14.19
C PRO C 321 31.75 13.85 14.54
N GLU C 322 31.88 14.66 13.48
CA GLU C 322 32.19 16.08 13.66
C GLU C 322 31.02 16.82 14.28
N ASP C 323 29.80 16.43 13.94
CA ASP C 323 28.59 17.11 14.42
C ASP C 323 28.31 16.65 15.85
N ALA C 324 28.92 17.34 16.81
CA ALA C 324 28.76 17.04 18.21
C ALA C 324 27.75 17.98 18.83
N THR C 325 26.85 17.45 19.65
CA THR C 325 25.85 18.26 20.32
C THR C 325 26.34 18.61 21.72
N PRO C 326 26.56 19.89 22.03
CA PRO C 326 27.10 20.25 23.34
C PRO C 326 26.03 20.48 24.39
N GLU C 327 26.34 20.06 25.62
CA GLU C 327 25.49 20.18 26.78
C GLU C 327 26.41 20.02 27.98
N PRO C 328 26.32 20.88 29.00
CA PRO C 328 27.34 20.89 30.05
C PRO C 328 27.39 19.60 30.86
N GLY C 329 28.62 19.23 31.23
CA GLY C 329 28.84 17.97 31.91
C GLY C 329 28.57 16.74 31.07
N GLU C 330 29.02 16.74 29.81
CA GLU C 330 28.83 15.60 28.92
C GLU C 330 30.07 14.73 28.95
N ASP C 331 29.88 13.46 29.28
CA ASP C 331 30.96 12.48 29.16
C ASP C 331 31.26 12.26 27.68
N PRO C 332 32.52 12.35 27.25
CA PRO C 332 32.84 12.01 25.86
C PRO C 332 32.51 10.57 25.48
N ARG C 333 32.62 9.64 26.43
CA ARG C 333 32.35 8.24 26.11
C ARG C 333 30.86 8.01 25.84
N VAL C 334 29.98 8.66 26.61
CA VAL C 334 28.55 8.45 26.39
C VAL C 334 28.11 9.11 25.10
N THR C 335 28.76 10.22 24.70
CA THR C 335 28.44 10.82 23.41
C THR C 335 28.92 9.93 22.28
N ARG C 336 30.11 9.33 22.44
CA ARG C 336 30.63 8.41 21.44
C ARG C 336 29.70 7.21 21.27
N ALA C 337 29.23 6.64 22.38
CA ALA C 337 28.32 5.49 22.33
C ALA C 337 26.97 5.88 21.74
N LYS C 338 26.45 7.04 22.11
CA LYS C 338 25.16 7.49 21.64
C LYS C 338 25.17 7.79 20.15
N TYR C 339 26.27 8.34 19.63
CA TYR C 339 26.34 8.57 18.21
C TYR C 339 26.67 7.29 17.44
N PHE C 340 27.35 6.33 18.06
CA PHE C 340 27.50 5.02 17.44
C PHE C 340 26.16 4.30 17.32
N ILE C 341 25.32 4.45 18.35
CA ILE C 341 23.97 3.90 18.31
C ILE C 341 23.17 4.56 17.19
N ARG C 342 23.35 5.87 17.01
CA ARG C 342 22.74 6.55 15.87
C ARG C 342 23.23 5.96 14.54
N ASP C 343 24.54 5.78 14.41
CA ASP C 343 25.14 5.35 13.15
C ASP C 343 24.73 3.93 12.78
N GLU C 344 24.51 3.07 13.78
CA GLU C 344 24.02 1.72 13.51
C GLU C 344 22.64 1.75 12.86
N PHE C 345 21.80 2.70 13.25
CA PHE C 345 20.48 2.82 12.62
C PHE C 345 20.58 3.44 11.23
N LEU C 346 21.44 4.47 11.08
CA LEU C 346 21.57 5.09 9.76
C LEU C 346 22.27 4.21 8.74
N ARG C 347 23.04 3.21 9.14
CA ARG C 347 23.57 2.27 8.16
C ARG C 347 22.45 1.53 7.44
N ILE C 348 21.46 1.04 8.21
CA ILE C 348 20.27 0.45 7.62
C ILE C 348 19.46 1.49 6.85
N SER C 349 19.40 2.72 7.38
CA SER C 349 18.57 3.75 6.75
C SER C 349 19.08 4.14 5.37
N THR C 350 20.39 4.30 5.21
CA THR C 350 20.95 4.64 3.91
C THR C 350 21.43 3.42 3.13
N ALA C 351 21.21 2.20 3.63
CA ALA C 351 21.45 1.02 2.79
C ALA C 351 20.51 0.97 1.59
N SER C 352 19.22 1.27 1.81
CA SER C 352 18.23 1.14 0.76
C SER C 352 17.28 2.31 0.61
N GLY C 353 17.27 3.26 1.55
CA GLY C 353 16.41 4.42 1.44
C GLY C 353 16.92 5.38 0.40
N ASP C 354 16.15 5.55 -0.69
CA ASP C 354 16.58 6.38 -1.82
C ASP C 354 15.41 7.23 -2.28
N GLY C 355 15.28 8.43 -1.70
CA GLY C 355 14.31 9.40 -2.14
C GLY C 355 12.90 9.22 -1.59
N ARG C 356 12.42 7.98 -1.54
CA ARG C 356 11.03 7.73 -1.19
C ARG C 356 10.76 8.04 0.28
N HIS C 357 11.69 7.67 1.15
CA HIS C 357 11.49 7.85 2.58
C HIS C 357 12.84 7.97 3.27
N TYR C 358 12.83 8.55 4.47
CA TYR C 358 14.05 8.81 5.20
C TYR C 358 13.79 8.60 6.69
N CYS C 359 14.88 8.57 7.46
CA CYS C 359 14.83 8.44 8.90
C CYS C 359 15.21 9.75 9.56
N TYR C 360 14.68 9.98 10.76
CA TYR C 360 14.90 11.22 11.50
C TYR C 360 15.36 10.87 12.91
N PRO C 361 16.65 10.62 13.10
CA PRO C 361 17.13 10.12 14.39
C PRO C 361 17.36 11.21 15.41
N HIS C 362 16.47 11.31 16.39
CA HIS C 362 16.56 12.32 17.44
C HIS C 362 16.61 11.69 18.82
N PHE C 363 17.23 12.40 19.75
CA PHE C 363 17.54 11.93 21.09
C PHE C 363 16.68 12.66 22.11
N THR C 364 15.88 11.90 22.87
CA THR C 364 15.08 12.47 23.95
C THR C 364 15.32 11.71 25.24
N CYS C 365 15.26 12.43 26.36
CA CYS C 365 15.33 11.84 27.69
C CYS C 365 13.96 11.35 28.11
N ALA C 366 13.84 10.95 29.38
CA ALA C 366 12.55 10.59 29.94
C ALA C 366 11.77 11.79 30.44
N VAL C 367 12.41 12.96 30.54
CA VAL C 367 11.78 14.17 31.05
C VAL C 367 11.72 15.27 30.00
N ASP C 368 11.93 14.94 28.73
CA ASP C 368 11.87 15.94 27.68
C ASP C 368 10.44 16.38 27.43
N THR C 369 10.28 17.59 26.90
CA THR C 369 8.98 18.15 26.60
C THR C 369 8.85 18.67 25.18
N GLU C 370 9.94 18.74 24.42
CA GLU C 370 9.92 19.30 23.07
C GLU C 370 9.61 18.25 22.02
N ASN C 371 9.22 17.05 22.42
CA ASN C 371 8.94 15.98 21.45
C ASN C 371 7.72 16.29 20.60
N ILE C 372 6.77 17.07 21.12
CA ILE C 372 5.60 17.46 20.34
C ILE C 372 6.02 18.35 19.18
N ARG C 373 6.81 19.40 19.46
CA ARG C 373 7.28 20.29 18.40
C ARG C 373 8.25 19.58 17.48
N ARG C 374 8.97 18.59 18.00
CA ARG C 374 9.94 17.86 17.18
C ARG C 374 9.23 16.94 16.19
N VAL C 375 8.16 16.28 16.63
CA VAL C 375 7.32 15.48 15.73
C VAL C 375 6.60 16.40 14.73
N PHE C 376 6.21 17.59 15.18
CA PHE C 376 5.63 18.59 14.29
C PHE C 376 6.58 18.96 13.16
N ASN C 377 7.83 19.27 13.51
CA ASN C 377 8.82 19.62 12.50
C ASN C 377 9.12 18.44 11.58
N ASP C 378 9.13 17.22 12.14
CA ASP C 378 9.40 16.05 11.32
C ASP C 378 8.30 15.78 10.31
N CYS C 379 7.04 15.95 10.72
CA CYS C 379 5.94 15.81 9.77
C CYS C 379 5.97 16.91 8.73
N ARG C 380 6.41 18.11 9.12
CA ARG C 380 6.57 19.19 8.14
C ARG C 380 7.61 18.83 7.08
N ASP C 381 8.77 18.31 7.51
CA ASP C 381 9.78 17.89 6.55
C ASP C 381 9.34 16.68 5.74
N ILE C 382 8.53 15.80 6.30
CA ILE C 382 8.05 14.64 5.56
C ILE C 382 7.12 15.08 4.43
N ILE C 383 6.18 15.96 4.73
CA ILE C 383 5.26 16.45 3.71
C ILE C 383 6.02 17.24 2.65
N GLN C 384 7.00 18.04 3.09
CA GLN C 384 7.80 18.82 2.14
C GLN C 384 8.62 17.93 1.23
N ARG C 385 9.22 16.86 1.76
CA ARG C 385 10.04 15.99 0.94
C ARG C 385 9.19 15.18 -0.03
N MET C 386 8.01 14.74 0.41
CA MET C 386 7.10 14.02 -0.48
C MET C 386 6.66 14.93 -1.63
N HIS C 387 6.31 16.19 -1.31
CA HIS C 387 5.92 17.13 -2.35
C HIS C 387 7.08 17.46 -3.28
N LEU C 388 8.30 17.59 -2.75
CA LEU C 388 9.45 17.91 -3.58
C LEU C 388 9.83 16.75 -4.49
N ARG C 389 9.64 15.52 -4.01
CA ARG C 389 9.86 14.37 -4.89
C ARG C 389 8.79 14.28 -5.96
N GLN C 390 7.55 14.69 -5.64
CA GLN C 390 6.53 14.73 -6.68
C GLN C 390 6.75 15.88 -7.66
N TYR C 391 7.57 16.87 -7.30
CA TYR C 391 7.88 17.97 -8.20
C TYR C 391 9.15 17.74 -9.00
N GLU C 392 9.79 16.57 -8.84
CA GLU C 392 11.07 16.23 -9.46
C GLU C 392 12.14 17.25 -9.13
N LEU C 393 12.10 17.78 -7.92
CA LEU C 393 13.02 18.82 -7.47
C LEU C 393 14.08 18.31 -6.50
N LEU C 394 14.04 17.03 -6.15
CA LEU C 394 15.00 16.47 -5.20
C LEU C 394 15.26 15.00 -5.49
N ASN D 5 7.98 -27.00 32.68
CA ASN D 5 7.82 -26.98 31.24
C ASN D 5 6.67 -27.87 30.81
N THR D 6 5.49 -27.64 31.40
CA THR D 6 4.32 -28.44 31.07
C THR D 6 3.61 -27.98 29.79
N ALA D 7 3.94 -26.78 29.31
CA ALA D 7 3.26 -26.26 28.13
C ALA D 7 3.66 -27.02 26.87
N SER D 8 4.94 -27.38 26.75
CA SER D 8 5.41 -28.12 25.57
C SER D 8 4.79 -29.52 25.52
N ILE D 9 4.74 -30.22 26.66
CA ILE D 9 4.16 -31.55 26.64
C ILE D 9 2.64 -31.49 26.54
N ALA D 10 2.03 -30.39 26.99
CA ALA D 10 0.60 -30.21 26.76
C ALA D 10 0.29 -30.01 25.28
N GLN D 11 1.10 -29.19 24.61
CA GLN D 11 1.01 -29.03 23.16
C GLN D 11 1.25 -30.36 22.46
N ALA D 12 2.19 -31.16 22.98
CA ALA D 12 2.47 -32.46 22.41
C ALA D 12 1.28 -33.41 22.54
N ARG D 13 0.64 -33.43 23.71
CA ARG D 13 -0.50 -34.34 23.89
C ARG D 13 -1.68 -33.92 23.03
N LYS D 14 -1.96 -32.62 22.95
CA LYS D 14 -3.09 -32.20 22.13
C LYS D 14 -2.80 -32.40 20.65
N LEU D 15 -1.54 -32.26 20.23
CA LEU D 15 -1.18 -32.54 18.84
C LEU D 15 -1.33 -34.02 18.53
N VAL D 16 -0.89 -34.91 19.43
CA VAL D 16 -0.95 -36.33 19.10
C VAL D 16 -2.38 -36.85 19.16
N GLU D 17 -3.22 -36.34 20.07
CA GLU D 17 -4.60 -36.82 20.00
C GLU D 17 -5.38 -36.16 18.86
N GLN D 18 -5.01 -34.93 18.46
CA GLN D 18 -5.56 -34.34 17.24
C GLN D 18 -5.25 -35.21 16.03
N LEU D 19 -3.99 -35.63 15.90
CA LEU D 19 -3.62 -36.52 14.80
C LEU D 19 -4.29 -37.88 14.95
N LYS D 20 -4.56 -38.33 16.18
CA LYS D 20 -5.20 -39.61 16.39
C LYS D 20 -6.64 -39.62 15.87
N MET D 21 -7.44 -38.63 16.28
CA MET D 21 -8.81 -38.60 15.77
C MET D 21 -8.88 -38.11 14.33
N GLU D 22 -7.85 -37.44 13.81
CA GLU D 22 -7.84 -37.13 12.39
C GLU D 22 -7.45 -38.35 11.56
N ALA D 23 -6.75 -39.31 12.17
CA ALA D 23 -6.23 -40.45 11.43
C ALA D 23 -7.35 -41.41 11.00
N ASN D 24 -8.24 -41.76 11.92
CA ASN D 24 -9.25 -42.80 11.66
C ASN D 24 -10.42 -42.19 10.88
N ILE D 25 -10.16 -41.91 9.61
CA ILE D 25 -11.16 -41.41 8.68
C ILE D 25 -11.06 -42.23 7.41
N ASP D 26 -12.12 -42.16 6.60
CA ASP D 26 -12.17 -42.86 5.32
C ASP D 26 -12.02 -41.85 4.19
N ARG D 27 -11.12 -42.15 3.26
CA ARG D 27 -10.87 -41.30 2.11
C ARG D 27 -11.14 -42.07 0.83
N ILE D 28 -11.70 -41.39 -0.16
CA ILE D 28 -12.02 -41.97 -1.45
C ILE D 28 -10.96 -41.49 -2.44
N LYS D 29 -10.65 -42.34 -3.42
CA LYS D 29 -9.57 -42.11 -4.38
C LYS D 29 -9.75 -40.80 -5.15
N VAL D 30 -8.62 -40.30 -5.67
CA VAL D 30 -8.57 -38.98 -6.28
C VAL D 30 -9.40 -38.92 -7.55
N SER D 31 -9.40 -40.02 -8.33
CA SER D 31 -10.04 -40.03 -9.64
C SER D 31 -11.54 -39.83 -9.55
N LYS D 32 -12.18 -40.41 -8.52
CA LYS D 32 -13.60 -40.19 -8.32
C LYS D 32 -13.92 -38.74 -7.99
N ALA D 33 -13.09 -38.10 -7.17
CA ALA D 33 -13.30 -36.70 -6.83
C ALA D 33 -13.07 -35.79 -8.03
N ALA D 34 -12.06 -36.10 -8.84
CA ALA D 34 -11.81 -35.32 -10.05
C ALA D 34 -12.94 -35.48 -11.06
N ALA D 35 -13.48 -36.70 -11.17
CA ALA D 35 -14.61 -36.94 -12.06
C ALA D 35 -15.85 -36.19 -11.59
N ASP D 36 -16.08 -36.18 -10.27
CA ASP D 36 -17.22 -35.45 -9.72
C ASP D 36 -17.05 -33.95 -9.93
N LEU D 37 -15.83 -33.44 -9.77
CA LEU D 37 -15.55 -32.02 -9.96
C LEU D 37 -15.77 -31.61 -11.42
N MET D 38 -15.28 -32.45 -12.34
CA MET D 38 -15.47 -32.20 -13.77
C MET D 38 -16.94 -32.28 -14.16
N ALA D 39 -17.67 -33.23 -13.57
CA ALA D 39 -19.09 -33.36 -13.85
C ALA D 39 -19.86 -32.15 -13.34
N TYR D 40 -19.49 -31.62 -12.18
CA TYR D 40 -20.13 -30.40 -11.69
C TYR D 40 -19.81 -29.21 -12.56
N CYS D 41 -18.58 -29.14 -13.07
CA CYS D 41 -18.22 -28.04 -13.96
C CYS D 41 -18.98 -28.10 -15.27
N GLU D 42 -19.15 -29.30 -15.83
CA GLU D 42 -19.87 -29.43 -17.10
C GLU D 42 -21.38 -29.33 -16.92
N ALA D 43 -21.91 -29.65 -15.73
CA ALA D 43 -23.34 -29.58 -15.53
C ALA D 43 -23.85 -28.14 -15.43
N HIS D 44 -23.04 -27.24 -14.86
CA HIS D 44 -23.46 -25.86 -14.64
C HIS D 44 -22.74 -24.89 -15.56
N ALA D 45 -22.14 -25.38 -16.65
CA ALA D 45 -21.47 -24.49 -17.58
C ALA D 45 -22.45 -23.67 -18.42
N LYS D 46 -23.68 -24.15 -18.60
CA LYS D 46 -24.65 -23.44 -19.42
C LYS D 46 -25.23 -22.24 -18.70
N GLU D 47 -25.43 -22.34 -17.39
CA GLU D 47 -26.03 -21.26 -16.60
C GLU D 47 -24.99 -20.43 -15.86
N ASP D 48 -23.79 -20.26 -16.45
CA ASP D 48 -22.73 -19.46 -15.86
C ASP D 48 -22.52 -18.24 -16.75
N PRO D 49 -23.11 -17.09 -16.41
CA PRO D 49 -23.00 -15.93 -17.30
C PRO D 49 -21.60 -15.33 -17.38
N LEU D 50 -20.73 -15.65 -16.42
CA LEU D 50 -19.36 -15.17 -16.46
C LEU D 50 -18.58 -15.77 -17.62
N LEU D 51 -18.79 -17.05 -17.90
CA LEU D 51 -18.02 -17.77 -18.91
C LEU D 51 -18.51 -17.47 -20.31
N THR D 52 -19.74 -17.85 -20.61
CA THR D 52 -20.30 -17.60 -21.93
C THR D 52 -20.63 -16.12 -22.10
N PRO D 53 -20.54 -15.59 -23.32
CA PRO D 53 -20.99 -14.22 -23.56
C PRO D 53 -22.49 -14.07 -23.29
N VAL D 54 -22.86 -12.90 -22.78
CA VAL D 54 -24.21 -12.61 -22.35
C VAL D 54 -24.78 -11.54 -23.29
N PRO D 55 -25.99 -11.73 -23.83
CA PRO D 55 -26.60 -10.68 -24.64
C PRO D 55 -26.87 -9.43 -23.80
N ALA D 56 -26.71 -8.27 -24.43
CA ALA D 56 -26.80 -7.01 -23.70
C ALA D 56 -28.22 -6.67 -23.27
N SER D 57 -29.23 -7.33 -23.84
CA SER D 57 -30.60 -7.08 -23.43
C SER D 57 -30.86 -7.65 -22.03
N GLU D 58 -30.40 -8.87 -21.78
CA GLU D 58 -30.57 -9.50 -20.48
C GLU D 58 -29.46 -9.17 -19.51
N ASN D 59 -28.41 -8.49 -19.96
CA ASN D 59 -27.30 -8.12 -19.09
C ASN D 59 -27.71 -6.94 -18.21
N PRO D 60 -27.68 -7.08 -16.89
CA PRO D 60 -28.02 -5.94 -16.03
C PRO D 60 -26.95 -4.87 -16.00
N PHE D 61 -25.74 -5.18 -16.43
CA PHE D 61 -24.64 -4.22 -16.42
C PHE D 61 -24.36 -3.80 -17.84
N ARG D 62 -24.82 -2.59 -18.19
CA ARG D 62 -24.66 -2.07 -19.54
C ARG D 62 -24.60 -0.55 -19.52
N GLN E 1 4.19 -30.87 3.20
CA GLN E 1 4.37 -30.30 4.53
C GLN E 1 5.72 -29.58 4.64
N VAL E 2 5.75 -28.54 5.46
CA VAL E 2 6.94 -27.73 5.66
C VAL E 2 7.53 -28.09 7.03
N GLN E 3 8.78 -28.54 7.02
CA GLN E 3 9.45 -28.91 8.26
C GLN E 3 10.93 -28.60 8.15
N LEU E 4 11.57 -28.43 9.30
CA LEU E 4 13.00 -28.13 9.38
C LEU E 4 13.57 -29.01 10.49
N GLN E 5 14.34 -30.02 10.10
CA GLN E 5 14.98 -30.93 11.04
C GLN E 5 16.48 -30.67 11.04
N GLU E 6 17.02 -30.33 12.21
CA GLU E 6 18.42 -29.97 12.35
C GLU E 6 19.14 -31.01 13.21
N SER E 7 20.46 -31.07 13.03
CA SER E 7 21.27 -32.07 13.71
C SER E 7 22.42 -31.43 14.48
N GLY E 8 23.31 -32.25 15.02
CA GLY E 8 24.42 -31.76 15.80
C GLY E 8 24.01 -31.46 17.24
N GLY E 9 24.98 -30.95 17.99
CA GLY E 9 24.71 -30.57 19.37
C GLY E 9 25.23 -31.56 20.39
N GLY E 10 25.94 -31.07 21.40
CA GLY E 10 26.49 -31.93 22.43
C GLY E 10 27.31 -31.12 23.40
N LEU E 11 27.79 -31.80 24.43
CA LEU E 11 28.61 -31.17 25.47
C LEU E 11 30.04 -31.11 24.97
N VAL E 12 30.51 -29.89 24.67
CA VAL E 12 31.87 -29.67 24.21
C VAL E 12 32.57 -28.73 25.18
N GLN E 13 33.90 -28.72 25.09
CA GLN E 13 34.73 -27.84 25.88
C GLN E 13 34.71 -26.42 25.31
N PRO E 14 35.00 -25.41 26.12
CA PRO E 14 35.09 -24.05 25.58
C PRO E 14 36.22 -23.91 24.57
N GLY E 15 36.00 -23.07 23.57
CA GLY E 15 36.96 -22.87 22.51
C GLY E 15 37.04 -23.99 21.50
N GLY E 16 36.09 -24.93 21.51
CA GLY E 16 36.12 -26.07 20.62
C GLY E 16 35.48 -25.79 19.28
N SER E 17 35.30 -26.86 18.51
CA SER E 17 34.70 -26.80 17.19
C SER E 17 33.46 -27.70 17.15
N LEU E 18 32.39 -27.21 16.55
CA LEU E 18 31.15 -27.96 16.45
C LEU E 18 30.40 -27.50 15.22
N ARG E 19 30.03 -28.44 14.35
CA ARG E 19 29.33 -28.15 13.11
C ARG E 19 27.85 -28.37 13.34
N LEU E 20 27.10 -27.28 13.48
CA LEU E 20 25.67 -27.34 13.76
C LEU E 20 24.95 -27.39 12.41
N SER E 21 24.55 -28.58 12.00
CA SER E 21 23.98 -28.81 10.68
C SER E 21 22.46 -28.84 10.74
N CYS E 22 21.82 -28.25 9.75
CA CYS E 22 20.37 -28.14 9.68
C CYS E 22 19.89 -28.54 8.29
N ALA E 23 18.80 -29.29 8.24
CA ALA E 23 18.25 -29.81 7.00
C ALA E 23 16.80 -29.39 6.86
N ALA E 24 16.31 -29.38 5.62
CA ALA E 24 14.95 -28.94 5.33
C ALA E 24 14.38 -29.75 4.19
N SER E 25 13.05 -29.78 4.12
CA SER E 25 12.35 -30.50 3.07
C SER E 25 11.06 -29.76 2.76
N GLY E 26 10.50 -30.05 1.59
CA GLY E 26 9.28 -29.37 1.19
C GLY E 26 9.52 -28.15 0.33
N PHE E 27 9.58 -26.99 0.99
CA PHE E 27 9.68 -25.71 0.33
C PHE E 27 10.98 -25.58 -0.47
N THR E 28 10.93 -24.72 -1.50
CA THR E 28 12.10 -24.43 -2.31
C THR E 28 13.10 -23.60 -1.52
N PHE E 29 14.34 -23.59 -1.98
CA PHE E 29 15.46 -23.10 -1.19
C PHE E 29 16.21 -21.92 -1.81
N SER E 30 16.04 -21.64 -3.10
CA SER E 30 16.76 -20.54 -3.73
C SER E 30 16.31 -19.21 -3.17
N ASN E 31 15.02 -19.06 -2.94
CA ASN E 31 14.45 -17.92 -2.22
C ASN E 31 14.47 -18.26 -0.73
N TYR E 32 13.70 -17.53 0.08
CA TYR E 32 13.46 -17.84 1.49
C TYR E 32 14.76 -17.85 2.29
N LYS E 33 15.31 -16.65 2.47
CA LYS E 33 16.48 -16.47 3.30
C LYS E 33 16.21 -16.98 4.72
N MET E 34 17.21 -17.63 5.30
CA MET E 34 17.03 -18.27 6.60
C MET E 34 18.06 -17.76 7.59
N ASN E 35 17.61 -17.57 8.83
CA ASN E 35 18.40 -16.98 9.90
C ASN E 35 18.77 -18.06 10.91
N TRP E 36 19.40 -17.63 12.00
CA TRP E 36 19.68 -18.48 13.14
C TRP E 36 19.23 -17.78 14.41
N VAL E 37 18.42 -18.45 15.21
CA VAL E 37 17.95 -17.91 16.47
C VAL E 37 18.21 -18.92 17.58
N ARG E 38 18.68 -18.40 18.72
CA ARG E 38 18.98 -19.23 19.87
C ARG E 38 18.27 -18.67 21.09
N GLN E 39 17.93 -19.56 22.02
CA GLN E 39 17.25 -19.18 23.25
C GLN E 39 18.03 -19.78 24.41
N ALA E 40 18.56 -18.92 25.26
CA ALA E 40 19.37 -19.37 26.38
C ALA E 40 18.47 -19.92 27.48
N PRO E 41 18.98 -20.83 28.32
CA PRO E 41 18.21 -21.26 29.48
C PRO E 41 18.04 -20.13 30.48
N GLY E 42 16.82 -19.63 30.61
CA GLY E 42 16.56 -18.48 31.43
C GLY E 42 16.54 -17.15 30.70
N LYS E 43 16.47 -17.17 29.36
CA LYS E 43 16.44 -15.94 28.59
C LYS E 43 15.48 -16.11 27.43
N GLY E 44 15.18 -15.01 26.76
CA GLY E 44 14.31 -15.01 25.61
C GLY E 44 15.04 -15.38 24.33
N LEU E 45 14.33 -15.25 23.22
CA LEU E 45 14.89 -15.59 21.92
C LEU E 45 15.78 -14.47 21.40
N GLU E 46 16.90 -14.85 20.78
CA GLU E 46 17.86 -13.89 20.27
C GLU E 46 18.42 -14.38 18.94
N TRP E 47 18.74 -13.43 18.07
CA TRP E 47 19.23 -13.73 16.73
C TRP E 47 20.74 -13.85 16.71
N VAL E 48 21.24 -14.76 15.87
CA VAL E 48 22.67 -15.00 15.72
C VAL E 48 23.21 -14.48 14.40
N SER E 49 22.71 -15.02 13.27
CA SER E 49 23.27 -14.67 11.97
C SER E 49 22.23 -14.99 10.89
N ASP E 50 22.41 -14.35 9.74
CA ASP E 50 21.49 -14.52 8.62
C ASP E 50 22.27 -14.57 7.32
N ILE E 51 21.66 -15.21 6.32
CA ILE E 51 22.23 -15.31 4.99
C ILE E 51 21.17 -14.87 3.99
N SER E 52 21.62 -14.48 2.81
CA SER E 52 20.73 -13.94 1.79
C SER E 52 20.17 -15.10 0.96
N GLN E 53 19.41 -14.76 -0.09
CA GLN E 53 18.81 -15.80 -0.93
C GLN E 53 19.87 -16.51 -1.76
N SER E 54 20.72 -15.75 -2.45
CA SER E 54 21.79 -16.36 -3.23
C SER E 54 22.91 -16.86 -2.36
N GLY E 55 23.31 -16.08 -1.36
CA GLY E 55 24.42 -16.46 -0.50
C GLY E 55 25.53 -15.44 -0.54
N ALA E 56 25.21 -14.21 -0.94
CA ALA E 56 26.22 -13.16 -1.06
C ALA E 56 26.32 -12.29 0.19
N SER E 57 25.19 -11.96 0.81
CA SER E 57 25.15 -11.06 1.95
C SER E 57 24.99 -11.86 3.22
N ILE E 58 26.01 -11.82 4.08
CA ILE E 58 26.01 -12.51 5.36
C ILE E 58 26.25 -11.47 6.45
N SER E 59 25.42 -11.50 7.50
CA SER E 59 25.57 -10.59 8.62
C SER E 59 25.51 -11.38 9.93
N TYR E 60 26.11 -10.81 10.96
CA TYR E 60 26.16 -11.46 12.27
C TYR E 60 25.96 -10.41 13.34
N THR E 61 25.64 -10.88 14.55
CA THR E 61 25.49 -9.98 15.69
C THR E 61 26.85 -9.66 16.28
N GLY E 62 26.83 -8.90 17.38
CA GLY E 62 28.08 -8.41 17.96
C GLY E 62 28.91 -9.51 18.59
N SER E 63 28.26 -10.46 19.27
CA SER E 63 28.97 -11.48 20.02
C SER E 63 29.35 -12.69 19.18
N VAL E 64 29.05 -12.68 17.88
CA VAL E 64 29.21 -13.84 17.02
C VAL E 64 30.23 -13.61 15.91
N LYS E 65 30.25 -12.40 15.32
CA LYS E 65 31.09 -12.12 14.17
C LYS E 65 32.56 -12.21 14.51
N GLY E 66 33.34 -12.75 13.57
CA GLY E 66 34.72 -13.10 13.81
C GLY E 66 34.93 -14.44 14.47
N ARG E 67 33.86 -15.08 14.95
CA ARG E 67 33.95 -16.37 15.63
C ARG E 67 33.12 -17.46 14.97
N PHE E 68 31.89 -17.16 14.55
CA PHE E 68 31.01 -18.15 13.93
C PHE E 68 30.74 -17.77 12.49
N THR E 69 30.69 -18.78 11.62
CA THR E 69 30.44 -18.57 10.20
C THR E 69 29.30 -19.48 9.75
N ILE E 70 28.35 -18.90 9.02
CA ILE E 70 27.23 -19.66 8.49
C ILE E 70 27.36 -19.75 6.98
N SER E 71 26.72 -20.76 6.41
CA SER E 71 26.79 -21.00 4.97
C SER E 71 25.57 -21.79 4.54
N ARG E 72 25.29 -21.73 3.24
CA ARG E 72 24.11 -22.37 2.68
C ARG E 72 24.48 -23.06 1.37
N ASP E 73 24.11 -24.33 1.25
CA ASP E 73 24.28 -25.09 0.01
C ASP E 73 22.87 -25.41 -0.50
N ASN E 74 22.37 -24.59 -1.41
CA ASN E 74 21.01 -24.77 -1.92
C ASN E 74 20.86 -25.99 -2.80
N ALA E 75 21.96 -26.49 -3.36
CA ALA E 75 21.89 -27.72 -4.14
C ALA E 75 21.62 -28.92 -3.24
N LYS E 76 22.23 -28.95 -2.05
CA LYS E 76 22.05 -30.06 -1.12
C LYS E 76 20.96 -29.81 -0.09
N ASN E 77 20.25 -28.68 -0.18
CA ASN E 77 19.15 -28.31 0.72
C ASN E 77 19.62 -28.27 2.18
N THR E 78 20.82 -27.76 2.40
CA THR E 78 21.44 -27.78 3.72
C THR E 78 22.05 -26.42 4.04
N LEU E 79 21.78 -25.91 5.24
CA LEU E 79 22.42 -24.73 5.78
C LEU E 79 22.92 -25.06 7.17
N TYR E 80 24.13 -24.63 7.50
CA TYR E 80 24.76 -25.05 8.74
C TYR E 80 25.54 -23.89 9.38
N LEU E 81 25.80 -24.06 10.67
CA LEU E 81 26.65 -23.17 11.45
C LEU E 81 28.05 -23.76 11.59
N GLN E 82 28.99 -22.91 11.99
CA GLN E 82 30.36 -23.33 12.29
C GLN E 82 30.77 -22.66 13.60
N MET E 83 31.04 -23.46 14.62
CA MET E 83 31.42 -22.92 15.92
C MET E 83 32.94 -22.90 16.04
N ASN E 84 33.50 -21.71 16.23
CA ASN E 84 34.92 -21.54 16.49
C ASN E 84 35.10 -20.48 17.56
N SER E 85 36.15 -20.64 18.38
CA SER E 85 36.44 -19.78 19.53
C SER E 85 35.23 -19.71 20.46
N LEU E 86 34.69 -20.87 20.78
CA LEU E 86 33.38 -20.94 21.43
C LEU E 86 33.49 -20.58 22.91
N LYS E 87 32.69 -19.60 23.32
CA LYS E 87 32.58 -18.96 24.62
C LYS E 87 31.64 -19.76 25.52
N PRO E 88 31.84 -19.70 26.85
CA PRO E 88 30.94 -20.44 27.75
C PRO E 88 29.53 -19.86 27.82
N GLU E 89 29.31 -18.62 27.39
CA GLU E 89 28.01 -17.98 27.47
C GLU E 89 27.19 -18.13 26.20
N ASP E 90 27.45 -19.17 25.40
CA ASP E 90 26.73 -19.39 24.15
C ASP E 90 25.85 -20.64 24.20
N THR E 91 25.62 -21.22 25.37
CA THR E 91 24.79 -22.42 25.45
C THR E 91 23.32 -22.07 25.29
N ALA E 92 22.65 -22.77 24.37
CA ALA E 92 21.28 -22.44 23.97
C ALA E 92 20.73 -23.57 23.13
N VAL E 93 19.42 -23.51 22.87
CA VAL E 93 18.76 -24.37 21.91
C VAL E 93 18.63 -23.58 20.61
N TYR E 94 19.15 -24.13 19.52
CA TYR E 94 19.30 -23.40 18.27
C TYR E 94 18.21 -23.81 17.30
N TYR E 95 17.57 -22.81 16.68
CA TYR E 95 16.46 -23.03 15.77
C TYR E 95 16.83 -22.58 14.36
N CYS E 96 16.45 -23.39 13.38
CA CYS E 96 16.70 -23.10 11.96
C CYS E 96 15.53 -22.31 11.39
N ALA E 97 15.48 -21.04 11.74
CA ALA E 97 14.36 -20.20 11.38
C ALA E 97 14.40 -19.84 9.90
N ARG E 98 13.22 -19.54 9.36
CA ARG E 98 13.05 -19.29 7.94
C ARG E 98 12.12 -18.11 7.74
N CYS E 99 12.48 -17.24 6.80
CA CYS E 99 11.68 -16.04 6.54
C CYS E 99 10.35 -16.43 5.90
N PRO E 100 9.25 -15.77 6.26
CA PRO E 100 7.94 -16.22 5.80
C PRO E 100 7.61 -15.85 4.36
N ALA E 101 8.43 -15.05 3.68
CA ALA E 101 8.04 -14.58 2.37
C ALA E 101 9.12 -14.90 1.34
N PRO E 102 8.72 -15.17 0.09
CA PRO E 102 9.70 -15.34 -0.98
C PRO E 102 10.37 -14.02 -1.31
N PHE E 103 11.70 -14.08 -1.45
CA PHE E 103 12.63 -13.03 -1.94
C PHE E 103 12.25 -11.61 -1.55
N THR E 104 11.93 -11.40 -0.28
CA THR E 104 11.75 -10.07 0.28
C THR E 104 12.90 -9.79 1.23
N ARG E 105 13.44 -8.57 1.15
CA ARG E 105 14.60 -8.22 1.99
C ARG E 105 14.22 -8.18 3.46
N ASP E 106 13.03 -7.68 3.78
CA ASP E 106 12.58 -7.63 5.16
C ASP E 106 12.26 -9.04 5.67
N CYS E 107 12.48 -9.24 6.96
CA CYS E 107 12.19 -10.52 7.58
C CYS E 107 11.53 -10.25 8.93
N PHE E 108 10.37 -10.85 9.14
CA PHE E 108 9.49 -10.50 10.24
C PHE E 108 9.23 -11.69 11.15
N ASP E 109 9.19 -11.41 12.46
CA ASP E 109 8.78 -12.35 13.51
C ASP E 109 9.65 -13.61 13.53
N VAL E 110 10.94 -13.44 13.27
CA VAL E 110 11.87 -14.56 13.41
C VAL E 110 12.05 -14.90 14.88
N THR E 111 12.10 -13.88 15.74
CA THR E 111 12.33 -14.05 17.17
C THR E 111 11.03 -14.04 17.96
N SER E 112 9.91 -14.36 17.32
CA SER E 112 8.64 -14.41 18.02
C SER E 112 8.58 -15.60 18.97
N THR E 113 7.79 -15.47 20.04
CA THR E 113 7.68 -16.54 21.02
C THR E 113 6.87 -17.71 20.50
N THR E 114 6.06 -17.50 19.47
CA THR E 114 5.40 -18.58 18.75
C THR E 114 5.58 -18.35 17.26
N TYR E 115 5.87 -19.42 16.53
CA TYR E 115 6.18 -19.32 15.12
C TYR E 115 5.83 -20.63 14.45
N ALA E 116 5.66 -20.56 13.12
CA ALA E 116 5.30 -21.73 12.33
C ALA E 116 6.48 -22.32 11.59
N TYR E 117 7.18 -21.50 10.81
CA TYR E 117 8.31 -21.96 10.00
C TYR E 117 9.57 -21.87 10.85
N ARG E 118 9.69 -22.79 11.80
CA ARG E 118 10.83 -22.86 12.68
C ARG E 118 11.07 -24.30 13.06
N GLY E 119 12.33 -24.66 13.25
CA GLY E 119 12.68 -26.02 13.59
C GLY E 119 12.35 -26.35 15.04
N GLN E 120 12.44 -27.64 15.34
CA GLN E 120 12.20 -28.11 16.71
C GLN E 120 13.31 -27.63 17.65
N GLY E 121 14.56 -27.76 17.24
CA GLY E 121 15.67 -27.23 18.01
C GLY E 121 16.63 -28.27 18.54
N THR E 122 17.93 -28.00 18.42
CA THR E 122 18.97 -28.84 18.98
C THR E 122 19.70 -28.07 20.07
N GLN E 123 19.95 -28.74 21.19
CA GLN E 123 20.55 -28.12 22.37
C GLN E 123 22.06 -28.27 22.33
N VAL E 124 22.77 -27.16 22.51
CA VAL E 124 24.22 -27.18 22.66
C VAL E 124 24.56 -26.69 24.07
N THR E 125 25.38 -27.47 24.77
CA THR E 125 25.79 -27.16 26.13
C THR E 125 27.30 -27.03 26.16
N VAL E 126 27.79 -25.91 26.69
CA VAL E 126 29.22 -25.69 26.84
C VAL E 126 29.51 -25.45 28.33
N SER E 127 30.53 -26.15 28.84
CA SER E 127 30.92 -26.06 30.24
C SER E 127 32.31 -26.65 30.38
N SER E 128 32.94 -26.37 31.52
CA SER E 128 34.27 -26.90 31.81
C SER E 128 34.18 -28.31 32.40
#